data_2A7W
#
_entry.id   2A7W
#
_cell.length_a   97.938
_cell.length_b   67.544
_cell.length_c   113.512
_cell.angle_alpha   90.00
_cell.angle_beta   92.45
_cell.angle_gamma   90.00
#
_symmetry.space_group_name_H-M   'P 1 21 1'
#
loop_
_entity.id
_entity.type
_entity.pdbx_description
1 polymer 'Phosphoribosyl-ATP pyrophosphatase'
2 water water
#
_entity_poly.entity_id   1
_entity_poly.type   'polypeptide(L)'
_entity_poly.pdbx_seq_one_letter_code
;(MSE)TPDVLKNIADTLEARREAAPQSSYVASLFHKGEDAILKKVAEEAAETL(MSE)ASKDKDKLHLVREVADLWFHT
(MSE)VLLTYHGLRPEDVV(MSE)ELHRREGISGLDEKASRKPTALEHHHHHH
;
_entity_poly.pdbx_strand_id   A,B,C,D,E,F,G,H,I,J,K,L
#
# COMPACT_ATOMS: atom_id res chain seq x y z
N ASP A 4 27.87 -12.01 -3.89
CA ASP A 4 27.43 -10.58 -3.92
C ASP A 4 25.96 -10.44 -4.34
N VAL A 5 25.72 -10.42 -5.64
CA VAL A 5 24.37 -10.30 -6.21
C VAL A 5 24.31 -11.32 -7.34
N LEU A 6 25.39 -11.38 -8.10
CA LEU A 6 25.54 -12.30 -9.23
C LEU A 6 25.64 -13.73 -8.70
N LYS A 7 26.36 -13.89 -7.60
CA LYS A 7 26.54 -15.21 -6.97
C LYS A 7 25.20 -15.81 -6.62
N ASN A 8 24.32 -14.99 -6.07
CA ASN A 8 22.99 -15.43 -5.67
C ASN A 8 22.20 -15.84 -6.90
N ILE A 9 22.28 -15.03 -7.95
CA ILE A 9 21.59 -15.33 -9.19
C ILE A 9 22.13 -16.65 -9.74
N ALA A 10 23.45 -16.79 -9.73
CA ALA A 10 24.12 -17.99 -10.22
C ALA A 10 23.61 -19.22 -9.47
N ASP A 11 23.61 -19.12 -8.13
CA ASP A 11 23.15 -20.20 -7.26
C ASP A 11 21.70 -20.56 -7.58
N THR A 12 20.89 -19.54 -7.86
CA THR A 12 19.48 -19.73 -8.18
C THR A 12 19.36 -20.46 -9.52
N LEU A 13 20.23 -20.12 -10.47
CA LEU A 13 20.23 -20.74 -11.78
C LEU A 13 20.59 -22.22 -11.65
N GLU A 14 21.68 -22.50 -10.93
CA GLU A 14 22.14 -23.86 -10.72
C GLU A 14 21.09 -24.66 -9.99
N ALA A 15 20.38 -24.00 -9.08
CA ALA A 15 19.33 -24.64 -8.29
C ALA A 15 18.25 -25.22 -9.20
N ARG A 16 17.68 -24.38 -10.05
CA ARG A 16 16.64 -24.83 -10.98
C ARG A 16 17.19 -25.34 -12.30
N ARG A 17 18.48 -25.66 -12.32
CA ARG A 17 19.16 -26.17 -13.51
C ARG A 17 18.39 -27.35 -14.10
N GLU A 18 18.05 -28.31 -13.24
CA GLU A 18 17.29 -29.47 -13.67
C GLU A 18 15.96 -29.57 -12.93
N ALA A 19 15.21 -28.47 -12.98
CA ALA A 19 13.90 -28.39 -12.34
C ALA A 19 12.83 -28.70 -13.38
N ALA A 20 11.58 -28.41 -13.04
CA ALA A 20 10.45 -28.65 -13.95
C ALA A 20 10.43 -27.63 -15.09
N PRO A 21 10.17 -28.09 -16.33
CA PRO A 21 10.12 -27.20 -17.50
C PRO A 21 9.15 -26.04 -17.30
N GLN A 22 8.09 -26.28 -16.54
CA GLN A 22 7.08 -25.27 -16.27
C GLN A 22 7.37 -24.50 -14.98
N SER A 23 8.33 -25.00 -14.21
CA SER A 23 8.73 -24.39 -12.94
C SER A 23 8.99 -22.87 -13.03
N SER A 24 9.86 -22.48 -13.97
CA SER A 24 10.21 -21.09 -14.15
C SER A 24 10.62 -20.84 -15.61
N TYR A 25 10.99 -19.59 -15.89
CA TYR A 25 11.44 -19.20 -17.23
C TYR A 25 12.82 -19.82 -17.46
N VAL A 26 13.71 -19.63 -16.48
CA VAL A 26 15.05 -20.15 -16.54
C VAL A 26 15.02 -21.66 -16.75
N ALA A 27 14.03 -22.30 -16.14
CA ALA A 27 13.87 -23.75 -16.25
C ALA A 27 13.45 -24.17 -17.65
N SER A 28 12.55 -23.39 -18.25
CA SER A 28 12.07 -23.69 -19.61
C SER A 28 13.21 -23.58 -20.60
N LEU A 29 14.08 -22.57 -20.38
CA LEU A 29 15.24 -22.36 -21.24
C LEU A 29 16.15 -23.58 -21.22
N PHE A 30 16.58 -23.95 -20.01
CA PHE A 30 17.46 -25.10 -19.83
C PHE A 30 16.90 -26.35 -20.49
N HIS A 31 15.59 -26.52 -20.40
CA HIS A 31 14.95 -27.66 -21.01
C HIS A 31 14.97 -27.58 -22.54
N LYS A 32 14.78 -26.37 -23.07
CA LYS A 32 14.78 -26.15 -24.51
C LYS A 32 16.15 -26.43 -25.12
N GLY A 33 17.21 -26.05 -24.41
CA GLY A 33 18.54 -26.31 -24.92
C GLY A 33 19.48 -25.15 -25.16
N GLU A 34 20.69 -25.51 -25.60
CA GLU A 34 21.76 -24.57 -25.89
C GLU A 34 21.30 -23.49 -26.89
N ASP A 35 20.75 -23.93 -28.01
CA ASP A 35 20.29 -23.01 -29.05
C ASP A 35 19.32 -21.96 -28.53
N ALA A 36 18.32 -22.40 -27.78
CA ALA A 36 17.33 -21.49 -27.23
C ALA A 36 17.99 -20.43 -26.36
N ILE A 37 19.07 -20.79 -25.67
CA ILE A 37 19.80 -19.87 -24.82
C ILE A 37 20.61 -18.90 -25.65
N LEU A 38 21.25 -19.42 -26.69
CA LEU A 38 22.08 -18.63 -27.58
C LEU A 38 21.26 -17.60 -28.35
N LYS A 39 20.01 -17.96 -28.66
CA LYS A 39 19.10 -17.09 -29.39
C LYS A 39 18.92 -15.84 -28.56
N LYS A 40 18.62 -16.06 -27.29
CA LYS A 40 18.41 -14.97 -26.37
C LYS A 40 19.65 -14.10 -26.19
N VAL A 41 20.82 -14.72 -26.10
CA VAL A 41 22.05 -13.96 -25.93
C VAL A 41 22.22 -13.01 -27.12
N ALA A 42 22.05 -13.56 -28.32
CA ALA A 42 22.17 -12.81 -29.56
C ALA A 42 21.13 -11.68 -29.62
N GLU A 43 19.91 -12.01 -29.20
CA GLU A 43 18.80 -11.07 -29.17
C GLU A 43 19.14 -9.86 -28.32
N GLU A 44 19.52 -10.10 -27.07
CA GLU A 44 19.86 -9.04 -26.15
C GLU A 44 21.06 -8.25 -26.61
N ALA A 45 21.97 -8.90 -27.34
CA ALA A 45 23.15 -8.22 -27.84
C ALA A 45 22.74 -7.20 -28.90
N ALA A 46 21.80 -7.63 -29.76
CA ALA A 46 21.30 -6.79 -30.84
C ALA A 46 20.52 -5.61 -30.27
N GLU A 47 19.72 -5.89 -29.25
CA GLU A 47 18.93 -4.85 -28.63
C GLU A 47 19.82 -3.83 -27.94
N THR A 48 20.98 -4.30 -27.46
CA THR A 48 21.93 -3.42 -26.80
C THR A 48 22.45 -2.44 -27.84
N LEU A 49 22.68 -2.93 -29.06
CA LEU A 49 23.15 -2.07 -30.14
C LEU A 49 22.09 -1.01 -30.47
N ALA A 51 19.53 0.02 -28.64
CA ALA A 51 19.37 0.94 -27.52
C ALA A 51 20.45 2.00 -27.48
N SER A 52 21.69 1.58 -27.73
CA SER A 52 22.81 2.53 -27.71
C SER A 52 22.63 3.56 -28.79
N LYS A 53 22.20 3.11 -29.96
CA LYS A 53 22.00 4.01 -31.09
C LYS A 53 20.88 5.04 -30.84
N ASP A 54 19.82 4.59 -30.19
CA ASP A 54 18.70 5.45 -29.86
C ASP A 54 18.93 6.32 -28.63
N LYS A 55 20.12 6.22 -28.05
CA LYS A 55 20.48 6.98 -26.86
C LYS A 55 19.49 6.75 -25.71
N ASP A 56 18.70 5.69 -25.81
CA ASP A 56 17.72 5.35 -24.77
C ASP A 56 18.47 4.71 -23.60
N LYS A 57 19.14 5.55 -22.81
CA LYS A 57 19.93 5.09 -21.66
C LYS A 57 19.25 4.16 -20.69
N LEU A 58 17.94 4.28 -20.55
CA LEU A 58 17.25 3.37 -19.64
C LEU A 58 17.07 2.01 -20.25
N HIS A 59 16.80 1.96 -21.55
CA HIS A 59 16.61 0.68 -22.25
C HIS A 59 17.95 -0.03 -22.35
N LEU A 60 19.02 0.76 -22.54
CA LEU A 60 20.37 0.23 -22.65
C LEU A 60 20.73 -0.62 -21.45
N VAL A 61 20.57 -0.03 -20.27
CA VAL A 61 20.87 -0.72 -19.03
C VAL A 61 20.00 -1.96 -18.87
N ARG A 62 18.72 -1.87 -19.25
CA ARG A 62 17.85 -3.03 -19.11
C ARG A 62 18.30 -4.18 -19.99
N GLU A 63 18.75 -3.84 -21.19
CA GLU A 63 19.21 -4.86 -22.14
C GLU A 63 20.56 -5.44 -21.76
N VAL A 64 21.52 -4.57 -21.45
CA VAL A 64 22.82 -5.03 -21.03
C VAL A 64 22.66 -5.99 -19.84
N ALA A 65 21.70 -5.72 -18.97
CA ALA A 65 21.47 -6.60 -17.84
C ALA A 65 20.86 -7.91 -18.31
N ASP A 66 19.93 -7.82 -19.26
CA ASP A 66 19.30 -9.03 -19.79
C ASP A 66 20.35 -9.90 -20.51
N LEU A 67 21.32 -9.22 -21.12
CA LEU A 67 22.42 -9.86 -21.84
C LEU A 67 23.27 -10.62 -20.82
N TRP A 68 23.80 -9.91 -19.83
CA TRP A 68 24.58 -10.54 -18.78
C TRP A 68 23.79 -11.69 -18.19
N PHE A 69 22.51 -11.47 -17.91
CA PHE A 69 21.69 -12.52 -17.32
C PHE A 69 21.68 -13.78 -18.15
N HIS A 70 21.42 -13.64 -19.44
CA HIS A 70 21.39 -14.82 -20.30
C HIS A 70 22.77 -15.43 -20.52
N THR A 71 23.79 -14.58 -20.35
CA THR A 71 25.17 -15.02 -20.48
C THR A 71 25.43 -15.97 -19.30
N VAL A 73 23.12 -17.62 -17.76
CA VAL A 73 22.31 -18.81 -17.98
C VAL A 73 23.11 -19.76 -18.85
N LEU A 74 23.84 -19.19 -19.81
CA LEU A 74 24.66 -19.97 -20.71
C LEU A 74 25.76 -20.65 -19.90
N LEU A 75 26.48 -19.87 -19.11
CA LEU A 75 27.56 -20.40 -18.28
C LEU A 75 27.08 -21.57 -17.42
N THR A 76 25.94 -21.38 -16.78
CA THR A 76 25.36 -22.41 -15.94
C THR A 76 25.05 -23.68 -16.74
N TYR A 77 24.64 -23.49 -17.99
CA TYR A 77 24.33 -24.61 -18.86
C TYR A 77 25.58 -25.44 -19.13
N HIS A 78 26.73 -24.76 -19.16
CA HIS A 78 28.02 -25.41 -19.41
C HIS A 78 28.77 -25.75 -18.11
N GLY A 79 28.03 -25.82 -17.00
CA GLY A 79 28.64 -26.16 -15.73
C GLY A 79 29.68 -25.17 -15.23
N LEU A 80 29.57 -23.91 -15.66
CA LEU A 80 30.50 -22.86 -15.25
C LEU A 80 29.69 -21.86 -14.46
N ARG A 81 30.31 -20.75 -14.07
CA ARG A 81 29.60 -19.72 -13.33
C ARG A 81 30.26 -18.35 -13.31
N PRO A 82 29.47 -17.28 -13.06
CA PRO A 82 29.88 -15.88 -12.99
C PRO A 82 31.27 -15.56 -12.51
N GLU A 83 31.62 -16.08 -11.34
CA GLU A 83 32.92 -15.84 -10.74
C GLU A 83 34.06 -16.11 -11.73
N ASP A 84 33.88 -17.12 -12.57
CA ASP A 84 34.87 -17.45 -13.58
C ASP A 84 35.10 -16.24 -14.45
N VAL A 85 34.01 -15.64 -14.92
CA VAL A 85 34.07 -14.45 -15.77
C VAL A 85 34.63 -13.25 -15.01
N VAL A 86 34.21 -13.09 -13.77
CA VAL A 86 34.69 -11.98 -12.95
C VAL A 86 36.18 -12.12 -12.70
N GLU A 88 38.25 -13.84 -14.50
CA GLU A 88 38.90 -13.70 -15.80
C GLU A 88 39.04 -12.20 -16.11
N LEU A 89 38.06 -11.41 -15.68
CA LEU A 89 38.11 -9.97 -15.88
C LEU A 89 39.20 -9.36 -15.02
N HIS A 90 39.33 -9.88 -13.80
CA HIS A 90 40.32 -9.39 -12.86
C HIS A 90 41.72 -9.73 -13.35
N ARG A 91 41.89 -10.95 -13.84
CA ARG A 91 43.17 -11.42 -14.34
C ARG A 91 43.72 -10.50 -15.43
N ARG A 92 42.82 -9.91 -16.22
CA ARG A 92 43.21 -8.99 -17.28
C ARG A 92 43.55 -7.61 -16.72
N GLU A 93 42.54 -6.75 -16.59
CA GLU A 93 42.70 -5.40 -16.06
C GLU A 93 42.99 -5.39 -14.56
N GLY A 94 44.20 -4.96 -14.22
CA GLY A 94 44.61 -4.92 -12.82
C GLY A 94 45.35 -6.18 -12.39
N ASP B 4 33.94 -3.65 -6.02
CA ASP B 4 34.38 -5.07 -5.96
C ASP B 4 35.55 -5.35 -6.91
N VAL B 5 35.24 -5.60 -8.18
CA VAL B 5 36.23 -5.87 -9.23
C VAL B 5 35.79 -5.07 -10.46
N LEU B 6 34.49 -5.11 -10.71
CA LEU B 6 33.86 -4.41 -11.83
C LEU B 6 33.93 -2.92 -11.58
N LYS B 7 33.73 -2.53 -10.32
CA LYS B 7 33.77 -1.13 -9.92
C LYS B 7 35.11 -0.51 -10.26
N ASN B 8 36.16 -1.26 -9.98
CA ASN B 8 37.53 -0.81 -10.24
C ASN B 8 37.74 -0.65 -11.72
N ILE B 9 37.24 -1.61 -12.49
CA ILE B 9 37.35 -1.58 -13.95
C ILE B 9 36.58 -0.36 -14.47
N ALA B 10 35.39 -0.16 -13.93
CA ALA B 10 34.54 0.98 -14.31
C ALA B 10 35.27 2.29 -14.08
N ASP B 11 35.80 2.43 -12.86
CA ASP B 11 36.54 3.64 -12.46
C ASP B 11 37.72 3.88 -13.40
N THR B 12 38.38 2.78 -13.80
CA THR B 12 39.53 2.86 -14.70
C THR B 12 39.08 3.34 -16.07
N LEU B 13 37.90 2.86 -16.49
CA LEU B 13 37.35 3.24 -17.80
C LEU B 13 37.02 4.74 -17.79
N GLU B 14 36.28 5.16 -16.77
CA GLU B 14 35.91 6.56 -16.63
C GLU B 14 37.14 7.44 -16.55
N ALA B 15 38.18 6.93 -15.89
CA ALA B 15 39.44 7.64 -15.73
C ALA B 15 40.02 8.01 -17.09
N ARG B 16 40.22 7.02 -17.94
CA ARG B 16 40.77 7.25 -19.25
C ARG B 16 39.72 7.53 -20.31
N ARG B 17 38.52 7.90 -19.86
CA ARG B 17 37.41 8.21 -20.75
C ARG B 17 37.82 9.22 -21.81
N GLU B 18 38.44 10.31 -21.34
CA GLU B 18 38.90 11.35 -22.26
C GLU B 18 40.41 11.53 -22.17
N ALA B 19 41.13 10.41 -22.30
CA ALA B 19 42.58 10.40 -22.25
C ALA B 19 43.13 10.47 -23.67
N ALA B 20 44.43 10.21 -23.83
CA ALA B 20 45.06 10.24 -25.14
C ALA B 20 44.66 9.03 -25.98
N PRO B 21 44.40 9.23 -27.28
CA PRO B 21 44.00 8.16 -28.20
C PRO B 21 45.00 7.01 -28.21
N GLN B 22 46.28 7.34 -27.99
CA GLN B 22 47.35 6.36 -27.98
C GLN B 22 47.65 5.86 -26.57
N SER B 23 47.06 6.51 -25.57
CA SER B 23 47.24 6.16 -24.16
C SER B 23 47.00 4.68 -23.86
N SER B 24 45.85 4.17 -24.29
CA SER B 24 45.50 2.79 -24.05
C SER B 24 44.55 2.28 -25.15
N TYR B 25 44.14 1.02 -25.03
CA TYR B 25 43.22 0.40 -25.97
C TYR B 25 41.85 1.01 -25.72
N VAL B 26 41.45 1.04 -24.45
CA VAL B 26 40.18 1.58 -24.05
C VAL B 26 40.06 3.03 -24.51
N ALA B 27 41.17 3.74 -24.47
CA ALA B 27 41.22 5.13 -24.90
C ALA B 27 41.01 5.25 -26.41
N SER B 28 41.63 4.36 -27.17
CA SER B 28 41.51 4.38 -28.63
C SER B 28 40.06 4.14 -29.04
N LEU B 29 39.39 3.24 -28.32
CA LEU B 29 37.99 2.92 -28.58
C LEU B 29 37.12 4.15 -28.40
N PHE B 30 37.20 4.75 -27.23
CA PHE B 30 36.44 5.95 -26.91
C PHE B 30 36.62 7.03 -27.96
N HIS B 31 37.85 7.16 -28.44
CA HIS B 31 38.14 8.17 -29.46
C HIS B 31 37.51 7.79 -30.81
N LYS B 32 37.51 6.50 -31.13
CA LYS B 32 36.95 6.03 -32.40
C LYS B 32 35.44 6.24 -32.43
N GLY B 33 34.77 6.04 -31.29
CA GLY B 33 33.34 6.26 -31.24
C GLY B 33 32.43 5.11 -30.88
N GLU B 34 31.13 5.42 -30.84
CA GLU B 34 30.08 4.47 -30.50
C GLU B 34 30.10 3.23 -31.38
N ASP B 35 30.15 3.43 -32.68
CA ASP B 35 30.18 2.31 -33.64
C ASP B 35 31.32 1.33 -33.37
N ALA B 36 32.53 1.85 -33.21
CA ALA B 36 33.70 1.02 -32.94
C ALA B 36 33.50 0.17 -31.69
N ILE B 37 32.77 0.70 -30.71
CA ILE B 37 32.50 -0.03 -29.48
C ILE B 37 31.45 -1.09 -29.72
N LEU B 38 30.43 -0.74 -30.50
CA LEU B 38 29.34 -1.66 -30.81
C LEU B 38 29.83 -2.83 -31.63
N LYS B 39 30.79 -2.56 -32.51
CA LYS B 39 31.37 -3.59 -33.37
C LYS B 39 31.91 -4.69 -32.47
N LYS B 40 32.70 -4.26 -31.49
CA LYS B 40 33.33 -5.14 -30.55
C LYS B 40 32.30 -5.92 -29.73
N VAL B 41 31.24 -5.25 -29.29
CA VAL B 41 30.22 -5.94 -28.51
C VAL B 41 29.63 -7.07 -29.33
N ALA B 42 29.28 -6.76 -30.56
CA ALA B 42 28.68 -7.72 -31.49
C ALA B 42 29.65 -8.86 -31.77
N GLU B 43 30.92 -8.52 -31.96
CA GLU B 43 31.97 -9.49 -32.22
C GLU B 43 32.06 -10.51 -31.09
N GLU B 44 32.22 -10.04 -29.86
CA GLU B 44 32.33 -10.90 -28.71
C GLU B 44 31.06 -11.71 -28.50
N ALA B 45 29.92 -11.16 -28.88
CA ALA B 45 28.66 -11.88 -28.72
C ALA B 45 28.65 -13.09 -29.66
N ALA B 46 29.13 -12.87 -30.88
CA ALA B 46 29.16 -13.93 -31.90
C ALA B 46 30.16 -15.01 -31.49
N GLU B 47 31.29 -14.56 -30.94
CA GLU B 47 32.33 -15.49 -30.52
C GLU B 47 31.84 -16.35 -29.36
N THR B 48 30.98 -15.76 -28.54
CA THR B 48 30.40 -16.47 -27.41
C THR B 48 29.54 -17.61 -27.96
N LEU B 49 28.84 -17.35 -29.06
CA LEU B 49 27.99 -18.38 -29.67
C LEU B 49 28.87 -19.48 -30.20
N ALA B 51 31.97 -20.27 -29.40
CA ALA B 51 32.60 -20.96 -28.28
C ALA B 51 31.66 -21.96 -27.63
N SER B 52 30.43 -21.55 -27.40
CA SER B 52 29.45 -22.43 -26.80
C SER B 52 29.23 -23.66 -27.65
N LYS B 53 29.10 -23.45 -28.96
CA LYS B 53 28.86 -24.54 -29.89
C LYS B 53 30.02 -25.54 -29.93
N ASP B 54 31.25 -25.03 -29.87
CA ASP B 54 32.43 -25.85 -29.89
C ASP B 54 32.75 -26.49 -28.55
N LYS B 55 31.90 -26.23 -27.55
CA LYS B 55 32.10 -26.74 -26.20
C LYS B 55 33.46 -26.36 -25.61
N ASP B 56 34.09 -25.36 -26.19
CA ASP B 56 35.38 -24.88 -25.73
C ASP B 56 35.16 -24.01 -24.49
N LYS B 57 34.85 -24.66 -23.36
CA LYS B 57 34.57 -23.95 -22.11
C LYS B 57 35.58 -22.90 -21.68
N LEU B 58 36.86 -23.06 -22.04
CA LEU B 58 37.83 -22.05 -21.67
C LEU B 58 37.70 -20.81 -22.53
N HIS B 59 37.41 -20.99 -23.81
CA HIS B 59 37.26 -19.87 -24.74
C HIS B 59 35.96 -19.15 -24.42
N LEU B 60 34.95 -19.91 -24.00
CA LEU B 60 33.64 -19.36 -23.67
C LEU B 60 33.78 -18.30 -22.60
N VAL B 61 34.43 -18.67 -21.51
CA VAL B 61 34.63 -17.75 -20.41
C VAL B 61 35.45 -16.53 -20.82
N ARG B 62 36.45 -16.73 -21.66
CA ARG B 62 37.27 -15.60 -22.10
C ARG B 62 36.43 -14.63 -22.93
N GLU B 63 35.54 -15.16 -23.76
CA GLU B 63 34.70 -14.31 -24.60
C GLU B 63 33.61 -13.62 -23.82
N VAL B 64 32.89 -14.37 -22.99
CA VAL B 64 31.84 -13.79 -22.16
C VAL B 64 32.44 -12.64 -21.36
N ALA B 65 33.69 -12.79 -20.96
CA ALA B 65 34.38 -11.75 -20.20
C ALA B 65 34.66 -10.56 -21.08
N ASP B 66 35.11 -10.84 -22.29
CA ASP B 66 35.43 -9.79 -23.23
C ASP B 66 34.15 -9.03 -23.62
N LEU B 67 33.03 -9.76 -23.63
CA LEU B 67 31.72 -9.20 -23.94
C LEU B 67 31.32 -8.25 -22.82
N TRP B 68 31.31 -8.75 -21.59
CA TRP B 68 30.97 -7.90 -20.45
C TRP B 68 31.87 -6.68 -20.42
N PHE B 69 33.16 -6.90 -20.67
CA PHE B 69 34.08 -5.78 -20.66
C PHE B 69 33.69 -4.69 -21.64
N HIS B 70 33.43 -5.08 -22.89
CA HIS B 70 33.06 -4.10 -23.89
C HIS B 70 31.70 -3.47 -23.62
N THR B 71 30.86 -4.23 -22.95
CA THR B 71 29.53 -3.78 -22.56
C THR B 71 29.75 -2.64 -21.55
N VAL B 73 32.43 -0.81 -21.40
CA VAL B 73 33.04 0.28 -22.13
C VAL B 73 31.89 1.09 -22.74
N LEU B 74 30.88 0.39 -23.24
CA LEU B 74 29.72 1.02 -23.84
C LEU B 74 29.00 1.88 -22.79
N LEU B 75 28.65 1.28 -21.65
CA LEU B 75 28.00 1.99 -20.57
C LEU B 75 28.76 3.28 -20.21
N THR B 76 30.08 3.16 -20.08
CA THR B 76 30.92 4.30 -19.75
C THR B 76 30.82 5.39 -20.81
N TYR B 77 30.68 4.97 -22.06
CA TYR B 77 30.56 5.93 -23.16
C TYR B 77 29.26 6.72 -23.04
N HIS B 78 28.25 6.09 -22.47
CA HIS B 78 26.95 6.72 -22.29
C HIS B 78 26.78 7.33 -20.89
N GLY B 79 27.90 7.58 -20.21
CA GLY B 79 27.86 8.16 -18.88
C GLY B 79 27.16 7.32 -17.83
N LEU B 80 27.13 6.00 -18.03
CA LEU B 80 26.50 5.09 -17.07
C LEU B 80 27.60 4.21 -16.49
N ARG B 81 27.22 3.21 -15.72
CA ARG B 81 28.21 2.30 -15.15
C ARG B 81 27.66 0.97 -14.62
N PRO B 82 28.54 -0.04 -14.51
CA PRO B 82 28.27 -1.40 -14.03
C PRO B 82 27.19 -1.57 -12.99
N GLU B 83 27.33 -0.84 -11.89
CA GLU B 83 26.38 -0.91 -10.79
C GLU B 83 24.94 -0.80 -11.26
N ASP B 84 24.71 0.04 -12.27
CA ASP B 84 23.39 0.22 -12.84
C ASP B 84 22.85 -1.12 -13.31
N VAL B 85 23.70 -1.85 -14.04
CA VAL B 85 23.37 -3.17 -14.57
C VAL B 85 23.20 -4.19 -13.45
N VAL B 86 24.11 -4.13 -12.49
CA VAL B 86 24.04 -5.04 -11.35
C VAL B 86 22.77 -4.81 -10.57
N GLU B 88 20.08 -3.40 -11.64
CA GLU B 88 18.98 -3.75 -12.52
C GLU B 88 18.77 -5.27 -12.47
N LEU B 89 19.86 -6.00 -12.33
CA LEU B 89 19.80 -7.45 -12.24
C LEU B 89 19.17 -7.86 -10.92
N HIS B 90 19.53 -7.13 -9.88
CA HIS B 90 19.01 -7.37 -8.54
C HIS B 90 17.52 -7.09 -8.48
N ARG B 91 17.12 -5.95 -9.07
CA ARG B 91 15.74 -5.53 -9.09
C ARG B 91 14.83 -6.62 -9.68
N ARG B 92 15.36 -7.39 -10.64
CA ARG B 92 14.61 -8.47 -11.26
C ARG B 92 14.58 -9.71 -10.36
N GLU B 93 15.59 -10.56 -10.51
CA GLU B 93 15.70 -11.80 -9.73
C GLU B 93 16.05 -11.51 -8.26
N GLY B 94 15.11 -11.84 -7.37
CA GLY B 94 15.31 -11.61 -5.95
C GLY B 94 14.77 -10.25 -5.51
N ASP C 4 22.72 -15.48 -63.25
CA ASP C 4 22.35 -14.04 -63.32
C ASP C 4 23.53 -13.13 -62.96
N VAL C 5 23.74 -12.90 -61.67
CA VAL C 5 24.83 -12.06 -61.14
C VAL C 5 25.41 -12.81 -59.96
N LEU C 6 24.51 -13.38 -59.16
CA LEU C 6 24.86 -14.16 -57.98
C LEU C 6 25.52 -15.46 -58.43
N LYS C 7 24.98 -16.07 -59.49
CA LYS C 7 25.50 -17.31 -60.04
C LYS C 7 26.97 -17.17 -60.40
N ASN C 8 27.28 -16.05 -61.05
CA ASN C 8 28.65 -15.76 -61.47
C ASN C 8 29.56 -15.62 -60.26
N ILE C 9 29.07 -14.93 -59.24
CA ILE C 9 29.83 -14.73 -58.01
C ILE C 9 30.06 -16.09 -57.34
N ALA C 10 29.00 -16.90 -57.31
CA ALA C 10 29.05 -18.25 -56.73
C ALA C 10 30.11 -19.06 -57.44
N ASP C 11 30.04 -19.09 -58.77
CA ASP C 11 30.99 -19.82 -59.60
C ASP C 11 32.41 -19.36 -59.32
N THR C 12 32.58 -18.05 -59.13
CA THR C 12 33.89 -17.48 -58.86
C THR C 12 34.38 -17.95 -57.49
N LEU C 13 33.45 -18.03 -56.53
CA LEU C 13 33.78 -18.47 -55.18
C LEU C 13 34.25 -19.93 -55.21
N GLU C 14 33.45 -20.78 -55.86
CA GLU C 14 33.75 -22.21 -55.98
C GLU C 14 35.07 -22.40 -56.70
N ALA C 15 35.31 -21.53 -57.69
CA ALA C 15 36.54 -21.58 -58.48
C ALA C 15 37.77 -21.47 -57.59
N ARG C 16 37.83 -20.40 -56.81
CA ARG C 16 38.97 -20.19 -55.91
C ARG C 16 38.75 -20.82 -54.53
N ARG C 17 37.80 -21.75 -54.44
CA ARG C 17 37.49 -22.44 -53.19
C ARG C 17 38.77 -23.00 -52.57
N GLU C 18 39.54 -23.73 -53.38
CA GLU C 18 40.79 -24.31 -52.92
C GLU C 18 41.99 -23.76 -53.70
N ALA C 19 42.06 -22.42 -53.76
CA ALA C 19 43.15 -21.74 -54.45
C ALA C 19 44.24 -21.37 -53.43
N ALA C 20 45.17 -20.52 -53.83
CA ALA C 20 46.25 -20.09 -52.96
C ALA C 20 45.76 -19.13 -51.87
N PRO C 21 46.23 -19.29 -50.62
CA PRO C 21 45.83 -18.43 -49.50
C PRO C 21 46.04 -16.95 -49.81
N GLN C 22 47.08 -16.67 -50.60
CA GLN C 22 47.42 -15.29 -50.97
C GLN C 22 46.77 -14.88 -52.29
N SER C 23 46.20 -15.84 -53.00
CA SER C 23 45.53 -15.61 -54.28
C SER C 23 44.52 -14.47 -54.25
N SER C 24 43.59 -14.52 -53.31
CA SER C 24 42.56 -13.50 -53.18
C SER C 24 42.10 -13.38 -51.73
N TYR C 25 41.14 -12.49 -51.50
CA TYR C 25 40.57 -12.28 -50.17
C TYR C 25 39.70 -13.49 -49.85
N VAL C 26 38.84 -13.85 -50.81
CA VAL C 26 37.94 -14.98 -50.66
C VAL C 26 38.75 -16.24 -50.39
N ALA C 27 39.92 -16.33 -51.01
CA ALA C 27 40.81 -17.47 -50.83
C ALA C 27 41.38 -17.51 -49.41
N SER C 28 41.76 -16.35 -48.89
CA SER C 28 42.34 -16.27 -47.54
C SER C 28 41.30 -16.70 -46.50
N LEU C 29 40.05 -16.31 -46.74
CA LEU C 29 38.94 -16.65 -45.84
C LEU C 29 38.79 -18.16 -45.76
N PHE C 30 38.59 -18.79 -46.90
CA PHE C 30 38.43 -20.23 -46.99
C PHE C 30 39.57 -20.97 -46.29
N HIS C 31 40.78 -20.44 -46.41
CA HIS C 31 41.94 -21.05 -45.78
C HIS C 31 41.88 -20.88 -44.27
N LYS C 32 41.42 -19.71 -43.82
CA LYS C 32 41.32 -19.42 -42.39
C LYS C 32 40.29 -20.31 -41.70
N GLY C 33 39.18 -20.58 -42.39
CA GLY C 33 38.17 -21.45 -41.82
C GLY C 33 36.76 -20.94 -41.62
N GLU C 34 35.91 -21.83 -41.10
CA GLU C 34 34.51 -21.54 -40.83
C GLU C 34 34.35 -20.34 -39.92
N ASP C 35 35.07 -20.35 -38.81
CA ASP C 35 34.99 -19.27 -37.83
C ASP C 35 35.27 -17.90 -38.44
N ALA C 36 36.37 -17.81 -39.18
CA ALA C 36 36.74 -16.55 -39.82
C ALA C 36 35.61 -16.04 -40.74
N ILE C 37 34.87 -16.96 -41.35
CA ILE C 37 33.78 -16.59 -42.23
C ILE C 37 32.57 -16.14 -41.41
N LEU C 38 32.30 -16.85 -40.32
CA LEU C 38 31.18 -16.51 -39.45
C LEU C 38 31.39 -15.17 -38.77
N LYS C 39 32.65 -14.84 -38.47
CA LYS C 39 32.98 -13.56 -37.85
C LYS C 39 32.49 -12.46 -38.76
N LYS C 40 32.85 -12.57 -40.03
CA LYS C 40 32.46 -11.61 -41.04
C LYS C 40 30.94 -11.51 -41.21
N VAL C 41 30.26 -12.66 -41.20
CA VAL C 41 28.81 -12.63 -41.36
C VAL C 41 28.17 -11.83 -40.24
N ALA C 42 28.61 -12.11 -39.02
CA ALA C 42 28.12 -11.43 -37.81
C ALA C 42 28.46 -9.94 -37.85
N GLU C 43 29.68 -9.63 -38.28
CA GLU C 43 30.14 -8.26 -38.41
C GLU C 43 29.23 -7.44 -39.33
N GLU C 44 29.02 -7.94 -40.55
CA GLU C 44 28.17 -7.27 -41.53
C GLU C 44 26.74 -7.17 -41.05
N ALA C 45 26.30 -8.15 -40.27
CA ALA C 45 24.94 -8.15 -39.75
C ALA C 45 24.76 -7.00 -38.76
N ALA C 46 25.77 -6.81 -37.93
CA ALA C 46 25.75 -5.75 -36.92
C ALA C 46 25.84 -4.39 -37.58
N GLU C 47 26.67 -4.30 -38.62
CA GLU C 47 26.84 -3.05 -39.34
C GLU C 47 25.53 -2.67 -40.05
N THR C 48 24.80 -3.69 -40.47
CA THR C 48 23.51 -3.48 -41.13
C THR C 48 22.56 -2.82 -40.11
N LEU C 49 22.62 -3.27 -38.87
CA LEU C 49 21.78 -2.70 -37.83
C LEU C 49 22.16 -1.26 -37.60
N ALA C 51 23.80 0.84 -39.58
CA ALA C 51 23.46 1.63 -40.76
C ALA C 51 21.99 1.98 -40.80
N SER C 52 21.14 1.00 -40.51
CA SER C 52 19.69 1.21 -40.51
C SER C 52 19.32 2.29 -39.52
N LYS C 53 19.90 2.20 -38.33
CA LYS C 53 19.63 3.14 -37.25
C LYS C 53 20.05 4.57 -37.59
N ASP C 54 21.20 4.70 -38.24
CA ASP C 54 21.72 6.00 -38.64
C ASP C 54 21.07 6.53 -39.92
N LYS C 55 20.08 5.79 -40.45
CA LYS C 55 19.39 6.16 -41.69
C LYS C 55 20.35 6.39 -42.85
N ASP C 56 21.58 5.91 -42.73
CA ASP C 56 22.58 6.07 -43.78
C ASP C 56 22.26 5.04 -44.88
N LYS C 57 21.23 5.33 -45.68
CA LYS C 57 20.78 4.45 -46.75
C LYS C 57 21.84 3.96 -47.72
N LEU C 58 22.91 4.72 -47.94
CA LEU C 58 23.95 4.23 -48.82
C LEU C 58 24.82 3.18 -48.15
N HIS C 59 25.09 3.37 -46.86
CA HIS C 59 25.91 2.43 -46.11
C HIS C 59 25.11 1.13 -45.90
N LEU C 60 23.81 1.28 -45.70
CA LEU C 60 22.92 0.16 -45.50
C LEU C 60 23.02 -0.84 -46.64
N VAL C 61 22.87 -0.36 -47.87
CA VAL C 61 22.96 -1.21 -49.03
C VAL C 61 24.36 -1.80 -49.16
N ARG C 62 25.39 -1.03 -48.84
CA ARG C 62 26.75 -1.56 -48.96
C ARG C 62 26.96 -2.72 -47.99
N GLU C 63 26.41 -2.58 -46.79
CA GLU C 63 26.55 -3.62 -45.78
C GLU C 63 25.68 -4.85 -46.08
N VAL C 64 24.41 -4.63 -46.39
CA VAL C 64 23.53 -5.72 -46.73
C VAL C 64 24.14 -6.55 -47.86
N ALA C 65 24.84 -5.88 -48.77
CA ALA C 65 25.47 -6.57 -49.88
C ALA C 65 26.68 -7.36 -49.38
N ASP C 66 27.45 -6.76 -48.47
CA ASP C 66 28.62 -7.43 -47.91
C ASP C 66 28.15 -8.65 -47.10
N LEU C 67 26.97 -8.51 -46.48
CA LEU C 67 26.36 -9.56 -45.70
C LEU C 67 26.06 -10.72 -46.64
N TRP C 68 25.22 -10.46 -47.64
CA TRP C 68 24.85 -11.48 -48.62
C TRP C 68 26.10 -12.12 -49.19
N PHE C 69 27.10 -11.29 -49.53
CA PHE C 69 28.31 -11.84 -50.07
C PHE C 69 28.97 -12.85 -49.17
N HIS C 70 29.15 -12.50 -47.89
CA HIS C 70 29.80 -13.43 -46.98
C HIS C 70 28.92 -14.64 -46.68
N THR C 71 27.61 -14.45 -46.82
CA THR C 71 26.66 -15.53 -46.63
C THR C 71 26.94 -16.55 -47.72
N VAL C 73 29.74 -16.88 -49.29
CA VAL C 73 31.05 -17.47 -49.03
C VAL C 73 30.83 -18.65 -48.09
N LEU C 74 29.95 -18.45 -47.11
CA LEU C 74 29.64 -19.47 -46.14
C LEU C 74 29.05 -20.68 -46.88
N LEU C 75 27.99 -20.44 -47.66
CA LEU C 75 27.35 -21.49 -48.43
C LEU C 75 28.35 -22.29 -49.23
N THR C 76 29.24 -21.58 -49.91
CA THR C 76 30.27 -22.23 -50.72
C THR C 76 31.18 -23.12 -49.87
N TYR C 77 31.47 -22.66 -48.65
CA TYR C 77 32.30 -23.41 -47.73
C TYR C 77 31.64 -24.73 -47.36
N HIS C 78 30.31 -24.74 -47.34
CA HIS C 78 29.54 -25.94 -47.02
C HIS C 78 29.09 -26.72 -48.24
N GLY C 79 29.74 -26.47 -49.38
CA GLY C 79 29.39 -27.16 -50.62
C GLY C 79 27.99 -26.90 -51.13
N LEU C 80 27.44 -25.74 -50.77
CA LEU C 80 26.09 -25.34 -51.22
C LEU C 80 26.27 -24.12 -52.11
N ARG C 81 25.17 -23.50 -52.51
CA ARG C 81 25.24 -22.31 -53.34
C ARG C 81 23.95 -21.48 -53.41
N PRO C 82 24.08 -20.17 -53.75
CA PRO C 82 23.01 -19.18 -53.87
C PRO C 82 21.65 -19.67 -54.30
N GLU C 83 21.61 -20.36 -55.43
CA GLU C 83 20.38 -20.89 -56.00
C GLU C 83 19.55 -21.61 -54.95
N ASP C 84 20.23 -22.32 -54.06
CA ASP C 84 19.54 -23.04 -52.99
C ASP C 84 18.71 -22.05 -52.19
N VAL C 85 19.33 -20.95 -51.80
CA VAL C 85 18.67 -19.90 -51.01
C VAL C 85 17.57 -19.22 -51.82
N VAL C 86 17.86 -18.97 -53.09
CA VAL C 86 16.90 -18.32 -53.97
C VAL C 86 15.67 -19.22 -54.13
N GLU C 88 14.80 -21.62 -52.13
CA GLU C 88 14.18 -21.74 -50.83
C GLU C 88 13.29 -20.51 -50.59
N LEU C 89 13.72 -19.37 -51.13
CA LEU C 89 12.96 -18.13 -51.01
C LEU C 89 11.69 -18.24 -51.84
N HIS C 90 11.83 -18.83 -53.03
CA HIS C 90 10.72 -19.02 -53.96
C HIS C 90 9.68 -19.98 -53.38
N ARG C 91 10.18 -21.09 -52.83
CA ARG C 91 9.32 -22.09 -52.24
C ARG C 91 8.38 -21.50 -51.18
N ARG C 92 8.85 -20.49 -50.46
CA ARG C 92 8.04 -19.83 -49.44
C ARG C 92 7.05 -18.87 -50.07
N GLU C 93 7.48 -17.62 -50.28
CA GLU C 93 6.64 -16.58 -50.88
C GLU C 93 6.39 -16.82 -52.36
N GLY C 94 5.12 -17.09 -52.70
CA GLY C 94 4.75 -17.37 -54.07
C GLY C 94 4.77 -18.84 -54.40
N ASP D 4 13.16 -11.22 -61.43
CA ASP D 4 13.51 -12.67 -61.40
C ASP D 4 12.65 -13.43 -60.40
N VAL D 5 13.06 -13.41 -59.12
CA VAL D 5 12.35 -14.09 -58.04
C VAL D 5 12.32 -13.10 -56.87
N LEU D 6 13.46 -12.45 -56.66
CA LEU D 6 13.62 -11.45 -55.61
C LEU D 6 12.80 -10.21 -55.95
N LYS D 7 12.77 -9.86 -57.24
CA LYS D 7 12.02 -8.70 -57.73
C LYS D 7 10.54 -8.83 -57.38
N ASN D 8 10.02 -10.04 -57.58
CA ASN D 8 8.61 -10.33 -57.29
C ASN D 8 8.35 -10.19 -55.80
N ILE D 9 9.29 -10.71 -54.99
CA ILE D 9 9.18 -10.63 -53.54
C ILE D 9 9.23 -9.17 -53.13
N ALA D 10 10.15 -8.42 -53.72
CA ALA D 10 10.31 -6.99 -53.46
C ALA D 10 9.01 -6.25 -53.74
N ASP D 11 8.46 -6.48 -54.93
CA ASP D 11 7.21 -5.88 -55.37
C ASP D 11 6.08 -6.21 -54.40
N THR D 12 6.06 -7.45 -53.91
CA THR D 12 5.04 -7.89 -52.96
C THR D 12 5.20 -7.16 -51.64
N LEU D 13 6.45 -6.93 -51.24
CA LEU D 13 6.74 -6.23 -49.99
C LEU D 13 6.26 -4.78 -50.08
N GLU D 14 6.65 -4.11 -51.16
CA GLU D 14 6.27 -2.73 -51.40
C GLU D 14 4.75 -2.61 -51.49
N ALA D 15 4.12 -3.63 -52.07
CA ALA D 15 2.68 -3.65 -52.23
C ALA D 15 1.99 -3.55 -50.88
N ARG D 16 2.33 -4.45 -49.96
CA ARG D 16 1.73 -4.44 -48.63
C ARG D 16 2.52 -3.59 -47.63
N ARG D 17 3.36 -2.69 -48.16
CA ARG D 17 4.16 -1.79 -47.33
C ARG D 17 3.27 -1.07 -46.32
N GLU D 18 2.19 -0.47 -46.83
CA GLU D 18 1.25 0.24 -45.97
C GLU D 18 -0.14 -0.38 -46.01
N ALA D 19 -0.18 -1.70 -45.78
CA ALA D 19 -1.42 -2.44 -45.77
C ALA D 19 -1.92 -2.56 -44.33
N ALA D 20 -2.89 -3.43 -44.10
CA ALA D 20 -3.45 -3.65 -42.76
C ALA D 20 -2.47 -4.41 -41.88
N PRO D 21 -2.35 -4.00 -40.61
CA PRO D 21 -1.45 -4.66 -39.65
C PRO D 21 -1.72 -6.16 -39.53
N GLN D 22 -2.99 -6.53 -39.69
CA GLN D 22 -3.43 -7.93 -39.62
C GLN D 22 -3.41 -8.62 -40.99
N SER D 23 -3.25 -7.82 -42.05
CA SER D 23 -3.22 -8.31 -43.43
C SER D 23 -2.27 -9.49 -43.64
N SER D 24 -1.01 -9.30 -43.23
CA SER D 24 0.00 -10.34 -43.38
C SER D 24 1.06 -10.21 -42.30
N TYR D 25 2.06 -11.08 -42.36
CA TYR D 25 3.17 -11.07 -41.42
C TYR D 25 4.06 -9.86 -41.76
N VAL D 26 4.38 -9.74 -43.04
CA VAL D 26 5.19 -8.64 -43.54
C VAL D 26 4.55 -7.31 -43.17
N ALA D 27 3.22 -7.28 -43.20
CA ALA D 27 2.46 -6.09 -42.87
C ALA D 27 2.57 -5.75 -41.39
N SER D 28 2.50 -6.78 -40.53
CA SER D 28 2.59 -6.58 -39.09
C SER D 28 3.96 -6.03 -38.73
N LEU D 29 5.01 -6.53 -39.40
CA LEU D 29 6.36 -6.08 -39.17
C LEU D 29 6.49 -4.59 -39.44
N PHE D 30 6.12 -4.19 -40.65
CA PHE D 30 6.18 -2.80 -41.07
C PHE D 30 5.45 -1.88 -40.10
N HIS D 31 4.33 -2.35 -39.57
CA HIS D 31 3.56 -1.58 -38.61
C HIS D 31 4.30 -1.47 -37.28
N LYS D 32 4.96 -2.56 -36.88
CA LYS D 32 5.71 -2.60 -35.63
C LYS D 32 6.89 -1.64 -35.67
N GLY D 33 7.55 -1.56 -36.82
CA GLY D 33 8.67 -0.63 -36.94
C GLY D 33 10.05 -1.16 -37.26
N GLU D 34 10.99 -0.23 -37.35
CA GLU D 34 12.39 -0.53 -37.67
C GLU D 34 12.99 -1.57 -36.72
N ASP D 35 12.87 -1.32 -35.42
CA ASP D 35 13.40 -2.22 -34.40
C ASP D 35 12.93 -3.66 -34.58
N ALA D 36 11.63 -3.83 -34.72
CA ALA D 36 11.04 -5.15 -34.90
C ALA D 36 11.65 -5.87 -36.10
N ILE D 37 12.03 -5.11 -37.12
CA ILE D 37 12.62 -5.69 -38.32
C ILE D 37 14.08 -6.05 -38.07
N LEU D 38 14.78 -5.17 -37.37
CA LEU D 38 16.19 -5.40 -37.04
C LEU D 38 16.35 -6.60 -36.11
N LYS D 39 15.37 -6.80 -35.22
CA LYS D 39 15.40 -7.92 -34.30
C LYS D 39 15.49 -9.19 -35.10
N LYS D 40 14.60 -9.28 -36.08
CA LYS D 40 14.54 -10.45 -36.93
C LYS D 40 15.82 -10.64 -37.74
N VAL D 41 16.38 -9.56 -38.25
CA VAL D 41 17.59 -9.68 -39.04
C VAL D 41 18.69 -10.28 -38.19
N ALA D 42 18.82 -9.76 -36.96
CA ALA D 42 19.84 -10.23 -36.03
C ALA D 42 19.59 -11.69 -35.65
N GLU D 43 18.32 -12.02 -35.41
CA GLU D 43 17.90 -13.37 -35.05
C GLU D 43 18.35 -14.37 -36.12
N GLU D 44 17.97 -14.11 -37.37
CA GLU D 44 18.33 -15.01 -38.46
C GLU D 44 19.84 -15.06 -38.68
N ALA D 45 20.52 -13.99 -38.36
CA ALA D 45 21.97 -13.98 -38.52
C ALA D 45 22.61 -14.94 -37.51
N ALA D 46 22.10 -14.92 -36.29
CA ALA D 46 22.57 -15.77 -35.21
C ALA D 46 22.27 -17.23 -35.53
N GLU D 47 21.07 -17.47 -36.03
CA GLU D 47 20.68 -18.83 -36.36
C GLU D 47 21.54 -19.37 -37.48
N THR D 48 21.97 -18.49 -38.36
CA THR D 48 22.83 -18.87 -39.47
C THR D 48 24.15 -19.37 -38.91
N LEU D 49 24.65 -18.70 -37.88
CA LEU D 49 25.89 -19.12 -37.23
C LEU D 49 25.70 -20.50 -36.59
N ALA D 51 23.41 -22.81 -37.17
CA ALA D 51 23.22 -23.84 -38.20
C ALA D 51 24.55 -24.24 -38.85
N SER D 52 25.40 -23.28 -39.17
CA SER D 52 26.69 -23.57 -39.78
C SER D 52 27.52 -24.44 -38.87
N LYS D 53 27.52 -24.10 -37.58
CA LYS D 53 28.28 -24.84 -36.58
C LYS D 53 27.81 -26.30 -36.45
N ASP D 54 26.49 -26.49 -36.44
CA ASP D 54 25.92 -27.81 -36.33
C ASP D 54 25.96 -28.60 -37.66
N LYS D 55 26.57 -28.02 -38.69
CA LYS D 55 26.64 -28.65 -40.02
C LYS D 55 25.27 -29.04 -40.58
N ASP D 56 24.20 -28.47 -40.01
CA ASP D 56 22.84 -28.76 -40.45
C ASP D 56 22.57 -27.99 -41.76
N LYS D 57 23.17 -28.47 -42.86
CA LYS D 57 23.04 -27.83 -44.16
C LYS D 57 21.63 -27.46 -44.61
N LEU D 58 20.63 -28.20 -44.19
CA LEU D 58 19.28 -27.85 -44.59
C LEU D 58 18.76 -26.66 -43.81
N HIS D 59 19.10 -26.58 -42.53
CA HIS D 59 18.66 -25.48 -41.69
C HIS D 59 19.42 -24.20 -42.08
N LEU D 60 20.68 -24.37 -42.49
CA LEU D 60 21.52 -23.26 -42.90
C LEU D 60 20.84 -22.49 -44.02
N VAL D 61 20.51 -23.20 -45.10
CA VAL D 61 19.85 -22.59 -46.24
C VAL D 61 18.51 -21.97 -45.85
N ARG D 62 17.77 -22.60 -44.97
CA ARG D 62 16.48 -22.03 -44.57
C ARG D 62 16.70 -20.71 -43.83
N GLU D 63 17.74 -20.64 -43.01
CA GLU D 63 18.01 -19.42 -42.25
C GLU D 63 18.60 -18.33 -43.11
N VAL D 64 19.59 -18.67 -43.93
CA VAL D 64 20.19 -17.70 -44.81
C VAL D 64 19.08 -17.05 -45.66
N ALA D 65 18.10 -17.86 -46.04
CA ALA D 65 16.99 -17.37 -46.83
C ALA D 65 16.13 -16.43 -45.99
N ASP D 66 15.87 -16.84 -44.76
CA ASP D 66 15.05 -16.03 -43.86
C ASP D 66 15.78 -14.69 -43.61
N LEU D 67 17.11 -14.76 -43.60
CA LEU D 67 17.97 -13.59 -43.37
C LEU D 67 17.81 -12.65 -44.54
N TRP D 68 18.09 -13.15 -45.74
CA TRP D 68 17.95 -12.32 -46.94
C TRP D 68 16.55 -11.75 -47.00
N PHE D 69 15.56 -12.57 -46.69
CA PHE D 69 14.20 -12.08 -46.75
C PHE D 69 13.98 -10.87 -45.84
N HIS D 70 14.38 -10.99 -44.58
CA HIS D 70 14.18 -9.88 -43.66
C HIS D 70 15.04 -8.68 -44.02
N THR D 71 16.16 -8.94 -44.70
CA THR D 71 17.07 -7.90 -45.14
C THR D 71 16.31 -7.08 -46.18
N VAL D 73 13.06 -6.93 -46.35
CA VAL D 73 11.97 -6.23 -45.67
C VAL D 73 12.55 -4.92 -45.15
N LEU D 74 13.78 -4.98 -44.66
CA LEU D 74 14.47 -3.81 -44.13
C LEU D 74 14.62 -2.78 -45.25
N LEU D 75 15.21 -3.20 -46.36
CA LEU D 75 15.40 -2.31 -47.51
C LEU D 75 14.10 -1.63 -47.91
N THR D 76 13.03 -2.40 -48.00
CA THR D 76 11.72 -1.89 -48.37
C THR D 76 11.27 -0.82 -47.38
N TYR D 77 11.57 -1.04 -46.10
CA TYR D 77 11.19 -0.09 -45.05
C TYR D 77 11.90 1.26 -45.26
N HIS D 78 13.09 1.20 -45.86
CA HIS D 78 13.90 2.40 -46.13
C HIS D 78 13.72 2.90 -47.55
N GLY D 79 12.64 2.50 -48.20
CA GLY D 79 12.39 2.94 -49.57
C GLY D 79 13.41 2.50 -50.59
N LEU D 80 14.09 1.39 -50.32
CA LEU D 80 15.11 0.84 -51.22
C LEU D 80 14.60 -0.50 -51.72
N ARG D 81 15.44 -1.22 -52.45
CA ARG D 81 15.07 -2.55 -52.93
C ARG D 81 16.21 -3.43 -53.41
N PRO D 82 15.98 -4.76 -53.39
CA PRO D 82 16.91 -5.82 -53.78
C PRO D 82 17.92 -5.51 -54.86
N GLU D 83 17.42 -5.03 -56.01
CA GLU D 83 18.27 -4.69 -57.15
C GLU D 83 19.45 -3.83 -56.74
N ASP D 84 19.22 -2.94 -55.78
CA ASP D 84 20.26 -2.06 -55.27
C ASP D 84 21.41 -2.92 -54.76
N VAL D 85 21.05 -3.91 -53.95
CA VAL D 85 22.02 -4.84 -53.35
C VAL D 85 22.68 -5.69 -54.42
N VAL D 86 21.87 -6.16 -55.36
CA VAL D 86 22.38 -7.00 -56.44
C VAL D 86 23.38 -6.20 -57.30
N GLU D 88 24.96 -3.54 -56.41
CA GLU D 88 26.08 -3.21 -55.55
C GLU D 88 27.02 -4.40 -55.51
N LEU D 89 26.45 -5.60 -55.57
CA LEU D 89 27.23 -6.83 -55.57
C LEU D 89 27.99 -6.94 -56.88
N HIS D 90 27.31 -6.56 -57.97
CA HIS D 90 27.88 -6.60 -59.32
C HIS D 90 29.02 -5.60 -59.46
N ARG D 91 28.78 -4.39 -58.96
CA ARG D 91 29.77 -3.32 -59.01
C ARG D 91 31.11 -3.76 -58.39
N ARG D 92 31.05 -4.61 -57.37
CA ARG D 92 32.25 -5.11 -56.71
C ARG D 92 32.91 -6.22 -57.52
N GLU D 93 32.48 -7.46 -57.29
CA GLU D 93 33.00 -8.64 -58.00
C GLU D 93 32.55 -8.68 -59.46
N GLY D 94 33.52 -8.52 -60.36
CA GLY D 94 33.23 -8.53 -61.79
C GLY D 94 33.01 -7.14 -62.34
N ASP E 4 3.51 12.49 -31.36
CA ASP E 4 2.02 12.34 -31.36
C ASP E 4 1.32 13.57 -30.78
N VAL E 5 1.23 13.64 -29.46
CA VAL E 5 0.60 14.76 -28.76
C VAL E 5 1.52 15.09 -27.59
N LEU E 6 2.00 14.03 -26.95
CA LEU E 6 2.91 14.13 -25.81
C LEU E 6 4.27 14.66 -26.29
N LYS E 7 4.68 14.19 -27.47
CA LYS E 7 5.95 14.59 -28.07
C LYS E 7 6.00 16.10 -28.25
N ASN E 8 4.89 16.64 -28.73
CA ASN E 8 4.78 18.07 -28.97
C ASN E 8 4.87 18.84 -27.66
N ILE E 9 4.18 18.33 -26.64
CA ILE E 9 4.19 18.93 -25.32
C ILE E 9 5.61 18.89 -24.77
N ALA E 10 6.26 17.73 -24.94
CA ALA E 10 7.64 17.53 -24.49
C ALA E 10 8.56 18.54 -25.14
N ASP E 11 8.46 18.66 -26.47
CA ASP E 11 9.26 19.60 -27.25
C ASP E 11 9.04 21.03 -26.75
N THR E 12 7.79 21.35 -26.43
CA THR E 12 7.41 22.67 -25.93
C THR E 12 8.06 22.94 -24.57
N LEU E 13 8.09 21.89 -23.75
CA LEU E 13 8.67 21.97 -22.41
C LEU E 13 10.17 22.23 -22.53
N GLU E 14 10.85 21.42 -23.33
CA GLU E 14 12.29 21.56 -23.55
C GLU E 14 12.61 22.91 -24.15
N ALA E 15 11.72 23.39 -25.01
CA ALA E 15 11.89 24.70 -25.66
C ALA E 15 12.02 25.80 -24.61
N ARG E 16 11.03 25.90 -23.73
CA ARG E 16 11.05 26.92 -22.70
C ARG E 16 11.74 26.46 -21.41
N ARG E 17 12.54 25.39 -21.53
CA ARG E 17 13.28 24.84 -20.40
C ARG E 17 14.06 25.95 -19.70
N GLU E 18 14.81 26.72 -20.48
CA GLU E 18 15.61 27.81 -19.94
C GLU E 18 15.17 29.14 -20.52
N ALA E 19 13.87 29.41 -20.44
CA ALA E 19 13.29 30.65 -20.92
C ALA E 19 13.17 31.63 -19.75
N ALA E 20 12.41 32.72 -19.97
CA ALA E 20 12.21 33.73 -18.93
C ALA E 20 11.27 33.23 -17.84
N PRO E 21 11.60 33.51 -16.56
CA PRO E 21 10.78 33.07 -15.42
C PRO E 21 9.33 33.54 -15.55
N GLN E 22 9.13 34.70 -16.19
CA GLN E 22 7.81 35.25 -16.39
C GLN E 22 7.20 34.83 -17.73
N SER E 23 8.02 34.23 -18.58
CA SER E 23 7.60 33.78 -19.91
C SER E 23 6.32 32.95 -19.89
N SER E 24 6.31 31.91 -19.07
CA SER E 24 5.17 31.01 -18.97
C SER E 24 5.10 30.40 -17.56
N TYR E 25 4.11 29.53 -17.36
CA TYR E 25 3.93 28.84 -16.10
C TYR E 25 5.02 27.77 -16.00
N VAL E 26 5.18 27.01 -17.07
CA VAL E 26 6.18 25.95 -17.15
C VAL E 26 7.56 26.54 -16.89
N ALA E 27 7.77 27.75 -17.38
CA ALA E 27 9.04 28.44 -17.21
C ALA E 27 9.26 28.83 -15.74
N SER E 28 8.20 29.30 -15.07
CA SER E 28 8.30 29.72 -13.68
C SER E 28 8.67 28.51 -12.82
N LEU E 29 8.08 27.36 -13.15
CA LEU E 29 8.33 26.11 -12.43
C LEU E 29 9.80 25.75 -12.51
N PHE E 30 10.30 25.65 -13.74
CA PHE E 30 11.69 25.30 -13.98
C PHE E 30 12.64 26.21 -13.21
N HIS E 31 12.29 27.49 -13.15
CA HIS E 31 13.11 28.46 -12.44
C HIS E 31 13.04 28.24 -10.92
N LYS E 32 11.85 27.88 -10.43
CA LYS E 32 11.66 27.64 -9.00
C LYS E 32 12.45 26.42 -8.54
N GLY E 33 12.50 25.39 -9.36
CA GLY E 33 13.25 24.20 -8.99
C GLY E 33 12.57 22.86 -8.89
N GLU E 34 13.38 21.87 -8.54
CA GLU E 34 12.93 20.49 -8.40
C GLU E 34 11.77 20.36 -7.41
N ASP E 35 11.97 20.91 -6.21
CA ASP E 35 10.94 20.84 -5.17
C ASP E 35 9.59 21.39 -5.62
N ALA E 36 9.61 22.57 -6.24
CA ALA E 36 8.41 23.20 -6.75
C ALA E 36 7.67 22.27 -7.69
N ILE E 37 8.42 21.51 -8.49
CA ILE E 37 7.81 20.57 -9.44
C ILE E 37 7.24 19.37 -8.73
N LEU E 38 7.98 18.87 -7.75
CA LEU E 38 7.57 17.70 -6.98
C LEU E 38 6.31 17.98 -6.16
N LYS E 39 6.18 19.23 -5.70
CA LYS E 39 5.02 19.64 -4.92
C LYS E 39 3.80 19.43 -5.76
N LYS E 40 3.87 19.92 -7.00
CA LYS E 40 2.78 19.82 -7.96
C LYS E 40 2.46 18.36 -8.29
N VAL E 41 3.49 17.54 -8.47
CA VAL E 41 3.27 16.13 -8.76
C VAL E 41 2.48 15.48 -7.64
N ALA E 42 2.92 15.73 -6.40
CA ALA E 42 2.27 15.17 -5.22
C ALA E 42 0.84 15.67 -5.11
N GLU E 43 0.67 16.96 -5.38
CA GLU E 43 -0.61 17.62 -5.33
C GLU E 43 -1.61 16.94 -6.24
N GLU E 44 -1.25 16.83 -7.52
CA GLU E 44 -2.11 16.21 -8.52
C GLU E 44 -2.40 14.76 -8.22
N ALA E 45 -1.45 14.11 -7.56
CA ALA E 45 -1.60 12.71 -7.20
C ALA E 45 -2.68 12.57 -6.13
N ALA E 46 -2.67 13.49 -5.16
CA ALA E 46 -3.61 13.49 -4.07
C ALA E 46 -5.00 13.83 -4.60
N GLU E 47 -5.04 14.78 -5.53
CA GLU E 47 -6.30 15.18 -6.11
C GLU E 47 -6.91 14.04 -6.91
N THR E 48 -6.05 13.23 -7.52
CA THR E 48 -6.50 12.08 -8.29
C THR E 48 -7.22 11.12 -7.33
N LEU E 49 -6.65 10.94 -6.15
CA LEU E 49 -7.26 10.08 -5.14
C LEU E 49 -8.63 10.62 -4.74
N ALA E 51 -10.62 12.74 -6.30
CA ALA E 51 -11.53 12.66 -7.43
C ALA E 51 -12.08 11.25 -7.61
N SER E 52 -11.21 10.26 -7.51
CA SER E 52 -11.63 8.89 -7.67
C SER E 52 -12.66 8.51 -6.62
N LYS E 53 -12.40 8.93 -5.39
CA LYS E 53 -13.30 8.66 -4.28
C LYS E 53 -14.67 9.29 -4.45
N ASP E 54 -14.68 10.52 -4.95
CA ASP E 54 -15.90 11.27 -5.17
C ASP E 54 -16.63 10.85 -6.44
N LYS E 55 -16.08 9.85 -7.14
CA LYS E 55 -16.66 9.38 -8.39
C LYS E 55 -16.84 10.51 -9.43
N ASP E 56 -16.14 11.62 -9.22
CA ASP E 56 -16.21 12.76 -10.13
C ASP E 56 -15.36 12.46 -11.36
N LYS E 57 -15.88 11.59 -12.23
CA LYS E 57 -15.18 11.17 -13.45
C LYS E 57 -14.59 12.28 -14.32
N LEU E 58 -15.21 13.45 -14.33
CA LEU E 58 -14.66 14.52 -15.13
C LEU E 58 -13.44 15.13 -14.46
N HIS E 59 -13.49 15.27 -13.13
CA HIS E 59 -12.38 15.85 -12.39
C HIS E 59 -11.21 14.89 -12.38
N LEU E 60 -11.53 13.59 -12.34
CA LEU E 60 -10.53 12.55 -12.35
C LEU E 60 -9.62 12.68 -13.56
N VAL E 61 -10.23 12.73 -14.74
CA VAL E 61 -9.48 12.87 -15.98
C VAL E 61 -8.68 14.16 -16.01
N ARG E 62 -9.24 15.24 -15.50
CA ARG E 62 -8.52 16.50 -15.50
C ARG E 62 -7.28 16.43 -14.63
N GLU E 63 -7.39 15.75 -13.49
CA GLU E 63 -6.27 15.63 -12.57
C GLU E 63 -5.22 14.66 -13.05
N VAL E 64 -5.65 13.49 -13.52
CA VAL E 64 -4.73 12.52 -14.05
C VAL E 64 -3.89 13.17 -15.16
N ALA E 65 -4.51 14.03 -15.94
CA ALA E 65 -3.82 14.72 -17.00
C ALA E 65 -2.84 15.72 -16.42
N ASP E 66 -3.26 16.45 -15.40
CA ASP E 66 -2.41 17.44 -14.78
C ASP E 66 -1.22 16.72 -14.15
N LEU E 67 -1.47 15.50 -13.68
CA LEU E 67 -0.44 14.66 -13.06
C LEU E 67 0.58 14.29 -14.12
N TRP E 68 0.13 13.65 -15.19
CA TRP E 68 1.03 13.29 -16.29
C TRP E 68 1.78 14.50 -16.76
N PHE E 69 1.09 15.62 -16.90
CA PHE E 69 1.73 16.84 -17.35
C PHE E 69 2.91 17.22 -16.48
N HIS E 70 2.68 17.30 -15.17
CA HIS E 70 3.75 17.68 -14.28
C HIS E 70 4.84 16.62 -14.20
N THR E 71 4.47 15.38 -14.46
CA THR E 71 5.39 14.27 -14.47
C THR E 71 6.36 14.54 -15.65
N VAL E 73 6.96 17.47 -16.89
CA VAL E 73 7.75 18.64 -16.56
C VAL E 73 8.95 18.15 -15.76
N LEU E 74 8.72 17.19 -14.88
CA LEU E 74 9.77 16.64 -14.04
C LEU E 74 10.82 15.97 -14.93
N LEU E 75 10.38 15.10 -15.82
CA LEU E 75 11.30 14.40 -16.74
C LEU E 75 12.15 15.39 -17.50
N THR E 76 11.52 16.45 -18.01
CA THR E 76 12.23 17.47 -18.76
C THR E 76 13.29 18.14 -17.90
N TYR E 77 12.98 18.34 -16.62
CA TYR E 77 13.91 18.97 -15.70
C TYR E 77 15.16 18.08 -15.52
N HIS E 78 14.97 16.77 -15.66
CA HIS E 78 16.06 15.81 -15.52
C HIS E 78 16.67 15.39 -16.86
N GLY E 79 16.45 16.21 -17.88
CA GLY E 79 16.99 15.92 -19.20
C GLY E 79 16.47 14.64 -19.82
N LEU E 80 15.26 14.21 -19.44
CA LEU E 80 14.64 13.02 -20.00
C LEU E 80 13.39 13.46 -20.75
N ARG E 81 12.59 12.51 -21.22
CA ARG E 81 11.36 12.85 -21.93
C ARG E 81 10.36 11.70 -22.06
N PRO E 82 9.07 12.05 -22.25
CA PRO E 82 7.93 11.15 -22.40
C PRO E 82 8.18 9.80 -23.04
N GLU E 83 8.77 9.82 -24.23
CA GLU E 83 9.06 8.60 -24.97
C GLU E 83 9.73 7.54 -24.09
N ASP E 84 10.59 8.00 -23.20
CA ASP E 84 11.31 7.11 -22.29
C ASP E 84 10.28 6.32 -21.49
N VAL E 85 9.31 7.05 -20.96
CA VAL E 85 8.24 6.46 -20.15
C VAL E 85 7.35 5.55 -21.00
N VAL E 86 7.03 6.02 -22.20
CA VAL E 86 6.19 5.25 -23.12
C VAL E 86 6.88 3.95 -23.51
N GLU E 88 9.26 2.51 -21.87
CA GLU E 88 9.40 1.70 -20.65
C GLU E 88 8.08 0.97 -20.40
N LEU E 89 6.98 1.61 -20.77
CA LEU E 89 5.67 1.02 -20.61
C LEU E 89 5.52 -0.14 -21.58
N HIS E 90 6.02 0.07 -22.81
CA HIS E 90 5.98 -0.93 -23.87
C HIS E 90 6.85 -2.13 -23.51
N ARG E 91 8.04 -1.86 -23.01
CA ARG E 91 8.98 -2.91 -22.63
C ARG E 91 8.35 -3.89 -21.63
N ARG E 92 7.45 -3.39 -20.79
CA ARG E 92 6.76 -4.21 -19.80
C ARG E 92 5.61 -4.99 -20.43
N GLU E 93 4.44 -4.38 -20.49
CA GLU E 93 3.23 -5.00 -21.07
C GLU E 93 3.33 -5.10 -22.61
N GLY E 94 3.40 -6.33 -23.10
CA GLY E 94 3.50 -6.57 -24.53
C GLY E 94 4.94 -6.71 -24.99
N ASP F 4 -1.83 3.54 -30.16
CA ASP F 4 -0.35 3.71 -30.24
C ASP F 4 0.38 2.63 -29.42
N VAL F 5 0.51 2.88 -28.11
CA VAL F 5 1.17 1.96 -27.17
C VAL F 5 0.28 1.90 -25.95
N LEU F 6 -0.21 3.09 -25.55
CA LEU F 6 -1.08 3.25 -24.40
C LEU F 6 -2.44 2.62 -24.71
N LYS F 7 -2.90 2.80 -25.96
CA LYS F 7 -4.19 2.26 -26.41
C LYS F 7 -4.22 0.75 -26.24
N ASN F 8 -3.11 0.11 -26.62
CA ASN F 8 -2.99 -1.34 -26.52
C ASN F 8 -3.02 -1.78 -25.06
N ILE F 9 -2.32 -1.04 -24.21
CA ILE F 9 -2.28 -1.32 -22.78
C ILE F 9 -3.70 -1.15 -22.22
N ALA F 10 -4.36 -0.06 -22.62
CA ALA F 10 -5.73 0.22 -22.19
C ALA F 10 -6.66 -0.93 -22.56
N ASP F 11 -6.61 -1.33 -23.83
CA ASP F 11 -7.42 -2.43 -24.35
C ASP F 11 -7.15 -3.71 -23.55
N THR F 12 -5.89 -3.93 -23.20
CA THR F 12 -5.50 -5.12 -22.44
C THR F 12 -6.10 -5.05 -21.03
N LEU F 13 -6.13 -3.85 -20.47
CA LEU F 13 -6.67 -3.63 -19.14
C LEU F 13 -8.18 -3.92 -19.14
N GLU F 14 -8.89 -3.30 -20.09
CA GLU F 14 -10.33 -3.49 -20.23
C GLU F 14 -10.64 -4.96 -20.48
N ALA F 15 -9.76 -5.62 -21.23
CA ALA F 15 -9.92 -7.03 -21.56
C ALA F 15 -10.02 -7.87 -20.30
N ARG F 16 -9.01 -7.76 -19.44
CA ARG F 16 -8.98 -8.52 -18.20
C ARG F 16 -9.65 -7.78 -17.04
N ARG F 17 -10.48 -6.78 -17.37
CA ARG F 17 -11.19 -5.98 -16.37
C ARG F 17 -11.95 -6.89 -15.41
N GLU F 18 -12.71 -7.83 -15.96
CA GLU F 18 -13.48 -8.77 -15.15
C GLU F 18 -13.04 -10.20 -15.44
N ALA F 19 -11.73 -10.43 -15.32
CA ALA F 19 -11.15 -11.75 -15.54
C ALA F 19 -10.98 -12.44 -14.18
N ALA F 20 -10.23 -13.53 -14.17
CA ALA F 20 -9.99 -14.28 -12.93
C ALA F 20 -9.03 -13.52 -12.00
N PRO F 21 -9.33 -13.52 -10.69
CA PRO F 21 -8.48 -12.84 -9.69
C PRO F 21 -7.02 -13.32 -9.76
N GLN F 22 -6.84 -14.58 -10.12
CA GLN F 22 -5.51 -15.16 -10.22
C GLN F 22 -4.93 -15.07 -11.63
N SER F 23 -5.77 -14.68 -12.58
CA SER F 23 -5.38 -14.54 -13.99
C SER F 23 -4.12 -13.71 -14.21
N SER F 24 -4.10 -12.50 -13.66
CA SER F 24 -2.97 -11.61 -13.80
C SER F 24 -2.87 -10.68 -12.58
N TYR F 25 -1.87 -9.79 -12.61
CA TYR F 25 -1.66 -8.82 -11.55
C TYR F 25 -2.76 -7.76 -11.67
N VAL F 26 -2.96 -7.26 -12.88
CA VAL F 26 -3.98 -6.26 -13.15
C VAL F 26 -5.34 -6.80 -12.72
N ALA F 27 -5.54 -8.09 -12.91
CA ALA F 27 -6.80 -8.73 -12.55
C ALA F 27 -6.98 -8.77 -11.04
N SER F 28 -5.91 -9.08 -10.32
CA SER F 28 -5.97 -9.14 -8.86
C SER F 28 -6.33 -7.76 -8.28
N LEU F 29 -5.77 -6.72 -8.88
CA LEU F 29 -6.01 -5.34 -8.46
C LEU F 29 -7.50 -5.03 -8.58
N PHE F 30 -8.04 -5.19 -9.78
CA PHE F 30 -9.44 -4.91 -10.05
C PHE F 30 -10.36 -5.65 -9.09
N HIS F 31 -9.97 -6.87 -8.73
CA HIS F 31 -10.77 -7.65 -7.80
C HIS F 31 -10.67 -7.09 -6.39
N LYS F 32 -9.48 -6.63 -6.02
CA LYS F 32 -9.25 -6.05 -4.68
C LYS F 32 -10.04 -4.76 -4.49
N GLY F 33 -10.12 -3.94 -5.54
CA GLY F 33 -10.88 -2.72 -5.44
C GLY F 33 -10.19 -1.39 -5.66
N GLU F 34 -11.01 -0.33 -5.58
CA GLU F 34 -10.55 1.04 -5.77
C GLU F 34 -9.39 1.41 -4.84
N ASP F 35 -9.54 1.12 -3.56
CA ASP F 35 -8.51 1.44 -2.57
C ASP F 35 -7.18 0.83 -2.91
N ALA F 36 -7.18 -0.47 -3.23
CA ALA F 36 -5.97 -1.17 -3.60
C ALA F 36 -5.26 -0.52 -4.79
N ILE F 37 -6.05 0.05 -5.71
CA ILE F 37 -5.48 0.72 -6.88
C ILE F 37 -4.91 2.09 -6.48
N LEU F 38 -5.63 2.80 -5.63
CA LEU F 38 -5.21 4.11 -5.16
C LEU F 38 -3.95 4.02 -4.33
N LYS F 39 -3.80 2.92 -3.58
CA LYS F 39 -2.62 2.70 -2.75
C LYS F 39 -1.40 2.72 -3.66
N LYS F 40 -1.51 1.97 -4.74
CA LYS F 40 -0.45 1.86 -5.72
C LYS F 40 -0.13 3.21 -6.38
N VAL F 41 -1.17 3.95 -6.75
CA VAL F 41 -0.96 5.26 -7.37
C VAL F 41 -0.15 6.15 -6.43
N ALA F 42 -0.57 6.20 -5.17
CA ALA F 42 0.09 7.01 -4.16
C ALA F 42 1.53 6.54 -3.96
N GLU F 43 1.71 5.22 -3.92
CA GLU F 43 3.02 4.62 -3.75
C GLU F 43 4.00 5.05 -4.85
N GLU F 44 3.57 4.89 -6.09
CA GLU F 44 4.40 5.26 -7.23
C GLU F 44 4.69 6.74 -7.26
N ALA F 45 3.73 7.53 -6.79
CA ALA F 45 3.90 8.98 -6.76
C ALA F 45 5.01 9.34 -5.78
N ALA F 46 5.01 8.66 -4.64
CA ALA F 46 5.98 8.91 -3.61
C ALA F 46 7.35 8.47 -4.08
N GLU F 47 7.40 7.33 -4.74
CA GLU F 47 8.65 6.82 -5.24
C GLU F 47 9.23 7.75 -6.30
N THR F 48 8.35 8.39 -7.07
CA THR F 48 8.77 9.32 -8.09
C THR F 48 9.49 10.48 -7.41
N LEU F 49 8.97 10.92 -6.28
CA LEU F 49 9.58 12.02 -5.53
C LEU F 49 10.97 11.60 -5.05
N ALA F 51 12.92 9.14 -6.13
CA ALA F 51 13.80 8.96 -7.28
C ALA F 51 14.35 10.29 -7.78
N SER F 52 13.48 11.29 -7.91
CA SER F 52 13.90 12.59 -8.37
C SER F 52 14.95 13.19 -7.45
N LYS F 53 14.71 13.07 -6.16
CA LYS F 53 15.61 13.60 -5.14
C LYS F 53 16.99 12.94 -5.19
N ASP F 54 17.00 11.63 -5.40
CA ASP F 54 18.25 10.88 -5.48
C ASP F 54 18.94 10.99 -6.84
N LYS F 55 18.35 11.78 -7.74
CA LYS F 55 18.88 11.96 -9.09
C LYS F 55 19.06 10.65 -9.84
N ASP F 56 18.38 9.60 -9.37
CA ASP F 56 18.46 8.29 -10.00
C ASP F 56 17.57 8.31 -11.23
N LYS F 57 18.04 8.95 -12.30
CA LYS F 57 17.25 9.07 -13.53
C LYS F 57 16.69 7.79 -14.12
N LEU F 58 17.33 6.67 -13.85
CA LEU F 58 16.79 5.41 -14.36
C LEU F 58 15.59 4.94 -13.56
N HIS F 59 15.66 5.12 -12.23
CA HIS F 59 14.58 4.72 -11.36
C HIS F 59 13.41 5.67 -11.57
N LEU F 60 13.73 6.93 -11.84
CA LEU F 60 12.72 7.94 -12.05
C LEU F 60 11.78 7.55 -13.16
N VAL F 61 12.35 7.23 -14.31
CA VAL F 61 11.54 6.82 -15.45
C VAL F 61 10.77 5.53 -15.18
N ARG F 62 11.35 4.60 -14.43
CA ARG F 62 10.65 3.36 -14.14
C ARG F 62 9.42 3.64 -13.31
N GLU F 63 9.57 4.54 -12.34
CA GLU F 63 8.47 4.89 -11.44
C GLU F 63 7.39 5.72 -12.10
N VAL F 64 7.79 6.77 -12.82
CA VAL F 64 6.85 7.58 -13.54
C VAL F 64 6.00 6.68 -14.46
N ALA F 65 6.61 5.64 -15.01
CA ALA F 65 5.91 4.72 -15.87
C ALA F 65 4.95 3.87 -15.05
N ASP F 66 5.40 3.41 -13.92
CA ASP F 66 4.56 2.60 -13.05
C ASP F 66 3.36 3.45 -12.56
N LEU F 67 3.62 4.74 -12.39
CA LEU F 67 2.60 5.70 -11.96
C LEU F 67 1.55 5.78 -13.05
N TRP F 68 1.99 6.16 -14.26
CA TRP F 68 1.07 6.26 -15.39
C TRP F 68 0.31 4.96 -15.54
N PHE F 69 1.02 3.84 -15.46
CA PHE F 69 0.36 2.55 -15.60
C PHE F 69 -0.80 2.38 -14.62
N HIS F 70 -0.52 2.58 -13.33
CA HIS F 70 -1.57 2.43 -12.33
C HIS F 70 -2.67 3.47 -12.47
N THR F 71 -2.32 4.62 -13.03
CA THR F 71 -3.25 5.68 -13.27
C THR F 71 -4.24 5.17 -14.32
N VAL F 73 -4.85 2.03 -14.84
CA VAL F 73 -5.60 0.97 -14.21
C VAL F 73 -6.80 1.62 -13.53
N LEU F 74 -6.56 2.76 -12.89
CA LEU F 74 -7.61 3.50 -12.20
C LEU F 74 -8.68 3.92 -13.21
N LEU F 75 -8.26 4.59 -14.27
CA LEU F 75 -9.17 5.04 -15.32
C LEU F 75 -10.07 3.91 -15.80
N THR F 76 -9.45 2.76 -16.06
CA THR F 76 -10.16 1.58 -16.53
C THR F 76 -11.20 1.13 -15.50
N TYR F 77 -10.85 1.25 -14.22
CA TYR F 77 -11.75 0.87 -13.15
C TYR F 77 -13.00 1.76 -13.15
N HIS F 78 -12.83 3.01 -13.58
CA HIS F 78 -13.92 3.96 -13.65
C HIS F 78 -14.57 4.03 -15.03
N GLY F 79 -14.36 2.99 -15.84
CA GLY F 79 -14.94 2.96 -17.18
C GLY F 79 -14.47 4.07 -18.10
N LEU F 80 -13.25 4.58 -17.87
CA LEU F 80 -12.68 5.62 -18.72
C LEU F 80 -11.44 5.01 -19.37
N ARG F 81 -10.68 5.83 -20.08
CA ARG F 81 -9.45 5.35 -20.72
C ARG F 81 -8.46 6.43 -21.15
N PRO F 82 -7.18 6.06 -21.29
CA PRO F 82 -6.04 6.89 -21.67
C PRO F 82 -6.32 8.07 -22.58
N GLU F 83 -6.95 7.79 -23.72
CA GLU F 83 -7.26 8.81 -24.72
C GLU F 83 -7.93 10.02 -24.09
N ASP F 84 -8.75 9.78 -23.08
CA ASP F 84 -9.44 10.87 -22.38
C ASP F 84 -8.42 11.82 -21.80
N VAL F 85 -7.41 11.24 -21.14
CA VAL F 85 -6.33 12.01 -20.52
C VAL F 85 -5.50 12.69 -21.59
N VAL F 86 -5.19 11.96 -22.65
CA VAL F 86 -4.39 12.48 -23.75
C VAL F 86 -5.11 13.67 -24.41
N GLU F 88 -7.47 15.43 -23.08
CA GLU F 88 -7.57 16.48 -22.08
C GLU F 88 -6.26 17.27 -22.05
N LEU F 89 -5.15 16.56 -22.27
CA LEU F 89 -3.84 17.20 -22.31
C LEU F 89 -3.74 18.11 -23.54
N HIS F 90 -4.26 17.61 -24.65
CA HIS F 90 -4.26 18.33 -25.93
C HIS F 90 -5.12 19.58 -25.83
N ARG F 91 -6.30 19.43 -25.22
CA ARG F 91 -7.23 20.53 -25.06
C ARG F 91 -6.59 21.72 -24.35
N ARG F 92 -5.67 21.43 -23.42
CA ARG F 92 -4.98 22.48 -22.68
C ARG F 92 -3.86 23.10 -23.52
N GLU F 93 -2.67 22.48 -23.46
CA GLU F 93 -1.49 22.95 -24.22
C GLU F 93 -1.63 22.69 -25.71
N GLY F 94 -1.73 23.77 -26.49
CA GLY F 94 -1.87 23.66 -27.93
C GLY F 94 -3.33 23.69 -28.37
N ASP G 4 5.27 11.19 28.32
CA ASP G 4 3.79 10.98 28.39
C ASP G 4 3.39 9.60 27.86
N VAL G 5 3.24 9.50 26.54
CA VAL G 5 2.87 8.26 25.85
C VAL G 5 3.78 8.17 24.64
N LEU G 6 3.94 9.30 23.96
CA LEU G 6 4.80 9.42 22.79
C LEU G 6 6.26 9.24 23.19
N LYS G 7 6.61 9.80 24.36
CA LYS G 7 7.96 9.72 24.90
C LYS G 7 8.38 8.28 25.07
N ASN G 8 7.46 7.48 25.61
CA ASN G 8 7.71 6.06 25.84
C ASN G 8 7.92 5.35 24.52
N ILE G 9 7.08 5.68 23.54
CA ILE G 9 7.18 5.09 22.20
C ILE G 9 8.52 5.48 21.59
N ALA G 10 8.87 6.76 21.72
CA ALA G 10 10.13 7.29 21.21
C ALA G 10 11.32 6.51 21.80
N ASP G 11 11.32 6.39 23.13
CA ASP G 11 12.35 5.67 23.86
C ASP G 11 12.46 4.23 23.38
N THR G 12 11.31 3.61 23.13
CA THR G 12 11.26 2.22 22.65
C THR G 12 11.86 2.14 21.26
N LEU G 13 11.61 3.16 20.45
CA LEU G 13 12.13 3.22 19.09
C LEU G 13 13.64 3.31 19.12
N GLU G 14 14.15 4.27 19.89
CA GLU G 14 15.59 4.48 20.03
C GLU G 14 16.25 3.25 20.60
N ALA G 15 15.55 2.55 21.50
CA ALA G 15 16.06 1.34 22.13
C ALA G 15 16.40 0.30 21.08
N ARG G 16 15.42 -0.04 20.24
CA ARG G 16 15.64 -1.04 19.21
C ARG G 16 16.13 -0.43 17.89
N ARG G 17 16.66 0.79 17.98
CA ARG G 17 17.19 1.50 16.81
C ARG G 17 18.18 0.61 16.06
N GLU G 18 19.13 0.06 16.80
CA GLU G 18 20.12 -0.81 16.20
C GLU G 18 20.05 -2.21 16.79
N ALA G 19 18.85 -2.77 16.78
CA ALA G 19 18.61 -4.12 17.29
C ALA G 19 18.68 -5.12 16.14
N ALA G 20 18.22 -6.35 16.37
CA ALA G 20 18.23 -7.39 15.35
C ALA G 20 17.14 -7.14 14.31
N PRO G 21 17.46 -7.33 13.02
CA PRO G 21 16.50 -7.12 11.94
C PRO G 21 15.21 -7.93 12.15
N GLN G 22 15.35 -9.10 12.80
CA GLN G 22 14.21 -9.97 13.05
C GLN G 22 13.59 -9.71 14.40
N SER G 23 14.26 -8.91 15.22
CA SER G 23 13.81 -8.56 16.57
C SER G 23 12.36 -8.06 16.64
N SER G 24 12.06 -7.05 15.83
CA SER G 24 10.73 -6.46 15.78
C SER G 24 10.44 -5.89 14.39
N TYR G 25 9.26 -5.30 14.26
CA TYR G 25 8.84 -4.67 13.01
C TYR G 25 9.64 -3.38 12.84
N VAL G 26 9.65 -2.60 13.91
CA VAL G 26 10.37 -1.33 13.93
C VAL G 26 11.85 -1.57 13.60
N ALA G 27 12.37 -2.70 14.08
CA ALA G 27 13.75 -3.06 13.82
C ALA G 27 13.99 -3.39 12.35
N SER G 28 13.05 -4.11 11.75
CA SER G 28 13.17 -4.49 10.34
C SER G 28 13.19 -3.24 9.47
N LEU G 29 12.36 -2.27 9.84
CA LEU G 29 12.26 -1.02 9.12
C LEU G 29 13.60 -0.30 9.10
N PHE G 30 14.12 -0.06 10.30
CA PHE G 30 15.40 0.62 10.46
C PHE G 30 16.50 -0.04 9.64
N HIS G 31 16.47 -1.38 9.59
CA HIS G 31 17.47 -2.12 8.83
C HIS G 31 17.27 -1.94 7.33
N LYS G 32 16.00 -1.88 6.91
CA LYS G 32 15.67 -1.70 5.50
C LYS G 32 16.11 -0.33 4.99
N GLY G 33 15.95 0.70 5.82
CA GLY G 33 16.39 2.02 5.42
C GLY G 33 15.39 3.15 5.36
N GLU G 34 15.91 4.32 4.99
CA GLU G 34 15.14 5.54 4.86
C GLU G 34 13.94 5.38 3.93
N ASP G 35 14.20 4.89 2.73
CA ASP G 35 13.13 4.69 1.75
C ASP G 35 11.99 3.82 2.26
N ALA G 36 12.32 2.69 2.88
CA ALA G 36 11.29 1.80 3.40
C ALA G 36 10.42 2.51 4.43
N ILE G 37 11.00 3.45 5.17
CA ILE G 37 10.27 4.22 6.16
C ILE G 37 9.40 5.26 5.48
N LEU G 38 9.95 5.91 4.46
CA LEU G 38 9.22 6.93 3.72
C LEU G 38 8.01 6.35 2.97
N LYS G 39 8.16 5.11 2.51
CA LYS G 39 7.10 4.41 1.79
C LYS G 39 5.92 4.33 2.73
N LYS G 40 6.19 3.89 3.95
CA LYS G 40 5.15 3.75 4.94
C LYS G 40 4.49 5.08 5.28
N VAL G 41 5.30 6.13 5.42
CA VAL G 41 4.74 7.42 5.75
C VAL G 41 3.76 7.85 4.67
N ALA G 42 4.19 7.72 3.42
CA ALA G 42 3.35 8.09 2.29
C ALA G 42 2.09 7.22 2.23
N GLU G 43 2.25 5.93 2.47
CA GLU G 43 1.14 5.00 2.45
C GLU G 43 0.06 5.42 3.46
N GLU G 44 0.46 5.63 4.72
CA GLU G 44 -0.48 6.01 5.75
C GLU G 44 -1.11 7.36 5.47
N ALA G 45 -0.37 8.23 4.78
CA ALA G 45 -0.90 9.55 4.46
C ALA G 45 -2.03 9.41 3.44
N ALA G 46 -1.84 8.52 2.47
CA ALA G 46 -2.81 8.27 1.42
C ALA G 46 -4.04 7.59 2.02
N GLU G 47 -3.81 6.68 2.95
CA GLU G 47 -4.92 5.98 3.57
C GLU G 47 -5.74 6.94 4.42
N THR G 48 -5.07 7.94 4.99
CA THR G 48 -5.75 8.94 5.81
C THR G 48 -6.71 9.71 4.90
N LEU G 49 -6.28 10.02 3.68
CA LEU G 49 -7.13 10.72 2.73
C LEU G 49 -8.34 9.85 2.40
N ALA G 51 -9.63 7.31 4.03
CA ALA G 51 -10.49 7.15 5.20
C ALA G 51 -11.36 8.38 5.44
N SER G 52 -10.79 9.57 5.27
CA SER G 52 -11.50 10.82 5.47
C SER G 52 -12.65 10.91 4.49
N LYS G 53 -12.37 10.55 3.24
CA LYS G 53 -13.35 10.59 2.17
C LYS G 53 -14.52 9.63 2.39
N ASP G 54 -14.22 8.44 2.89
CA ASP G 54 -15.25 7.44 3.16
C ASP G 54 -15.98 7.67 4.48
N LYS G 55 -15.63 8.75 5.17
CA LYS G 55 -16.23 9.08 6.46
C LYS G 55 -16.07 7.95 7.49
N ASP G 56 -15.12 7.06 7.25
CA ASP G 56 -14.87 5.95 8.15
C ASP G 56 -14.06 6.47 9.34
N LYS G 57 -14.72 7.19 10.24
CA LYS G 57 -14.05 7.78 11.41
C LYS G 57 -13.18 6.85 12.24
N LEU G 58 -13.50 5.57 12.29
CA LEU G 58 -12.68 4.66 13.06
C LEU G 58 -11.38 4.34 12.33
N HIS G 59 -11.47 4.18 11.00
CA HIS G 59 -10.29 3.88 10.20
C HIS G 59 -9.39 5.13 10.12
N LEU G 60 -10.01 6.30 10.12
CA LEU G 60 -9.28 7.55 10.06
C LEU G 60 -8.30 7.67 11.22
N VAL G 61 -8.81 7.50 12.43
CA VAL G 61 -7.98 7.58 13.63
C VAL G 61 -6.91 6.51 13.62
N ARG G 62 -7.23 5.31 13.13
CA ARG G 62 -6.24 4.24 13.10
C ARG G 62 -5.09 4.61 12.15
N GLU G 63 -5.41 5.20 11.02
CA GLU G 63 -4.42 5.59 10.05
C GLU G 63 -3.61 6.78 10.50
N VAL G 64 -4.29 7.83 10.96
CA VAL G 64 -3.59 9.01 11.45
C VAL G 64 -2.58 8.59 12.52
N ALA G 65 -2.94 7.58 13.31
CA ALA G 65 -2.07 7.08 14.36
C ALA G 65 -0.88 6.35 13.73
N ASP G 66 -1.16 5.54 12.74
CA ASP G 66 -0.11 4.79 12.05
C ASP G 66 0.84 5.78 11.35
N LEU G 67 0.29 6.90 10.88
CA LEU G 67 1.05 7.96 10.21
C LEU G 67 1.99 8.59 11.22
N TRP G 68 1.43 9.11 12.32
CA TRP G 68 2.24 9.70 13.38
C TRP G 68 3.30 8.72 13.80
N PHE G 69 2.92 7.46 13.99
CA PHE G 69 3.88 6.43 14.39
C PHE G 69 5.06 6.34 13.47
N HIS G 70 4.81 6.18 12.18
CA HIS G 70 5.89 6.07 11.21
C HIS G 70 6.68 7.36 11.08
N THR G 71 6.02 8.46 11.40
CA THR G 71 6.65 9.78 11.35
C THR G 71 7.72 9.78 12.47
N VAL G 73 9.10 7.10 13.66
CA VAL G 73 10.11 6.14 13.28
C VAL G 73 11.10 6.88 12.40
N LEU G 74 10.58 7.75 11.55
CA LEU G 74 11.43 8.55 10.67
C LEU G 74 12.34 9.45 11.50
N LEU G 75 11.74 10.23 12.40
CA LEU G 75 12.53 11.13 13.25
C LEU G 75 13.64 10.38 13.96
N THR G 76 13.32 9.21 14.52
CA THR G 76 14.28 8.39 15.25
C THR G 76 15.42 7.97 14.32
N TYR G 77 15.09 7.70 13.07
CA TYR G 77 16.09 7.32 12.08
C TYR G 77 17.07 8.47 11.83
N HIS G 78 16.61 9.71 11.99
CA HIS G 78 17.44 10.88 11.79
C HIS G 78 17.99 11.44 13.10
N GLY G 79 18.03 10.60 14.13
CA GLY G 79 18.53 11.04 15.43
C GLY G 79 17.76 12.17 16.10
N LEU G 80 16.47 12.28 15.79
CA LEU G 80 15.61 13.31 16.37
C LEU G 80 14.55 12.59 17.18
N ARG G 81 13.58 13.33 17.71
CA ARG G 81 12.50 12.71 18.47
C ARG G 81 11.26 13.56 18.68
N PRO G 82 10.11 12.91 18.90
CA PRO G 82 8.79 13.50 19.11
C PRO G 82 8.73 14.87 19.76
N GLU G 83 9.38 15.00 20.91
CA GLU G 83 9.39 16.27 21.65
C GLU G 83 9.72 17.44 20.75
N ASP G 84 10.64 17.21 19.82
CA ASP G 84 11.05 18.24 18.89
C ASP G 84 9.82 18.74 18.14
N VAL G 85 9.02 17.78 17.66
CA VAL G 85 7.79 18.08 16.92
C VAL G 85 6.75 18.77 17.81
N VAL G 86 6.61 18.25 19.03
CA VAL G 86 5.67 18.80 19.98
C VAL G 86 6.05 20.24 20.33
N GLU G 88 7.90 22.17 18.58
CA GLU G 88 7.78 22.96 17.37
C GLU G 88 6.33 23.37 17.20
N LEU G 89 5.44 22.49 17.61
CA LEU G 89 4.00 22.75 17.55
C LEU G 89 3.62 23.85 18.54
N HIS G 90 4.24 23.78 19.72
CA HIS G 90 4.01 24.74 20.79
C HIS G 90 4.54 26.12 20.38
N ARG G 91 5.73 26.15 19.80
CA ARG G 91 6.36 27.39 19.37
C ARG G 91 5.46 28.18 18.42
N ARG G 92 4.67 27.47 17.61
CA ARG G 92 3.75 28.10 16.67
C ARG G 92 2.48 28.58 17.38
N GLU G 93 1.50 27.70 17.49
CA GLU G 93 0.21 28.01 18.14
C GLU G 93 0.37 28.15 19.66
N GLY G 94 0.16 29.36 20.15
CA GLY G 94 0.27 29.63 21.58
C GLY G 94 1.66 30.11 21.96
N ASP H 4 -2.10 18.43 27.51
CA ASP H 4 -0.63 18.65 27.49
C ASP H 4 -0.26 19.87 26.65
N VAL H 5 -0.15 19.66 25.33
CA VAL H 5 0.20 20.71 24.37
C VAL H 5 -0.73 20.54 23.18
N LEU H 6 -0.91 19.28 22.79
CA LEU H 6 -1.78 18.90 21.68
C LEU H 6 -3.23 19.16 22.06
N LYS H 7 -3.57 18.86 23.33
CA LYS H 7 -4.92 19.07 23.86
C LYS H 7 -5.34 20.52 23.72
N ASN H 8 -4.42 21.42 24.05
CA ASN H 8 -4.67 22.85 23.96
C ASN H 8 -4.89 23.26 22.51
N ILE H 9 -4.08 22.71 21.61
CA ILE H 9 -4.19 22.99 20.19
C ILE H 9 -5.54 22.48 19.71
N ALA H 10 -5.89 21.26 20.14
CA ALA H 10 -7.17 20.64 19.76
C ALA H 10 -8.34 21.52 20.21
N ASP H 11 -8.30 21.93 21.48
CA ASP H 11 -9.33 22.80 22.05
C ASP H 11 -9.44 24.08 21.25
N THR H 12 -8.30 24.63 20.84
CA THR H 12 -8.27 25.86 20.07
C THR H 12 -8.90 25.64 18.69
N LEU H 13 -8.66 24.47 18.12
CA LEU H 13 -9.21 24.12 16.81
C LEU H 13 -10.72 24.01 16.91
N GLU H 14 -11.20 23.26 17.89
CA GLU H 14 -12.64 23.08 18.10
C GLU H 14 -13.30 24.41 18.39
N ALA H 15 -12.59 25.28 19.11
CA ALA H 15 -13.09 26.61 19.45
C ALA H 15 -13.44 27.40 18.20
N ARG H 16 -12.49 27.53 17.30
CA ARG H 16 -12.73 28.27 16.06
C ARG H 16 -13.25 27.39 14.92
N ARG H 17 -13.77 26.22 15.29
CA ARG H 17 -14.32 25.26 14.33
C ARG H 17 -15.32 25.95 13.41
N GLU H 18 -16.26 26.67 14.02
CA GLU H 18 -17.28 27.38 13.26
C GLU H 18 -17.20 28.88 13.52
N ALA H 19 -15.99 29.41 13.35
CA ALA H 19 -15.73 30.83 13.53
C ALA H 19 -15.83 31.54 12.19
N ALA H 20 -15.39 32.78 12.15
CA ALA H 20 -15.43 33.57 10.92
C ALA H 20 -14.36 33.09 9.94
N PRO H 21 -14.70 33.01 8.64
CA PRO H 21 -13.77 32.57 7.59
C PRO H 21 -12.47 33.38 7.59
N GLN H 22 -12.58 34.66 7.94
CA GLN H 22 -11.44 35.55 7.98
C GLN H 22 -10.78 35.60 9.36
N SER H 23 -11.44 35.01 10.34
CA SER H 23 -10.97 34.96 11.72
C SER H 23 -9.53 34.50 11.87
N SER H 24 -9.23 33.34 11.29
CA SER H 24 -7.91 32.77 11.37
C SER H 24 -7.64 31.89 10.16
N TYR H 25 -6.46 31.28 10.12
CA TYR H 25 -6.07 30.39 9.04
C TYR H 25 -6.87 29.09 9.20
N VAL H 26 -6.87 28.56 10.42
CA VAL H 26 -7.59 27.34 10.73
C VAL H 26 -9.07 27.50 10.39
N ALA H 27 -9.59 28.71 10.60
CA ALA H 27 -10.98 29.01 10.31
C ALA H 27 -11.24 29.00 8.80
N SER H 28 -10.32 29.55 8.03
CA SER H 28 -10.47 29.61 6.57
C SER H 28 -10.48 28.19 5.99
N LEU H 29 -9.66 27.32 6.56
CA LEU H 29 -9.57 25.93 6.13
C LEU H 29 -10.92 25.24 6.33
N PHE H 30 -11.40 25.27 7.56
CA PHE H 30 -12.67 24.65 7.91
C PHE H 30 -13.77 25.14 6.99
N HIS H 31 -13.75 26.42 6.66
CA HIS H 31 -14.77 26.97 5.78
C HIS H 31 -14.61 26.45 4.35
N LYS H 32 -13.36 26.28 3.90
CA LYS H 32 -13.08 25.78 2.56
C LYS H 32 -13.54 24.35 2.38
N GLY H 33 -13.36 23.53 3.43
CA GLY H 33 -13.79 22.15 3.35
C GLY H 33 -12.78 21.03 3.54
N GLU H 34 -13.31 19.82 3.46
CA GLU H 34 -12.53 18.60 3.61
C GLU H 34 -11.35 18.55 2.63
N ASP H 35 -11.65 18.73 1.35
CA ASP H 35 -10.62 18.72 0.30
C ASP H 35 -9.46 19.67 0.60
N ALA H 36 -9.76 20.93 0.92
CA ALA H 36 -8.72 21.89 1.22
C ALA H 36 -7.84 21.43 2.38
N ILE H 37 -8.41 20.69 3.32
CA ILE H 37 -7.64 20.17 4.45
C ILE H 37 -6.77 19.00 4.01
N LEU H 38 -7.34 18.13 3.19
CA LEU H 38 -6.63 16.97 2.67
C LEU H 38 -5.47 17.37 1.77
N LYS H 39 -5.62 18.46 1.03
CA LYS H 39 -4.56 18.96 0.17
C LYS H 39 -3.36 19.27 1.02
N LYS H 40 -3.61 19.98 2.10
CA LYS H 40 -2.55 20.35 3.02
C LYS H 40 -1.89 19.14 3.65
N VAL H 41 -2.68 18.14 4.04
CA VAL H 41 -2.12 16.95 4.65
C VAL H 41 -1.14 16.28 3.69
N ALA H 42 -1.58 16.13 2.44
CA ALA H 42 -0.79 15.52 1.39
C ALA H 42 0.48 16.33 1.12
N GLU H 43 0.31 17.64 1.07
CA GLU H 43 1.41 18.56 0.84
C GLU H 43 2.50 18.39 1.88
N GLU H 44 2.14 18.45 3.14
CA GLU H 44 3.11 18.32 4.21
C GLU H 44 3.73 16.94 4.24
N ALA H 45 3.00 15.94 3.79
CA ALA H 45 3.50 14.58 3.76
C ALA H 45 4.62 14.48 2.71
N ALA H 46 4.40 15.13 1.57
CA ALA H 46 5.35 15.13 0.49
C ALA H 46 6.59 15.90 0.88
N GLU H 47 6.38 17.01 1.58
CA GLU H 47 7.49 17.84 2.02
C GLU H 47 8.32 17.10 3.05
N THR H 48 7.67 16.26 3.83
CA THR H 48 8.35 15.45 4.83
C THR H 48 9.30 14.49 4.09
N LEU H 49 8.84 13.95 2.97
CA LEU H 49 9.66 13.05 2.15
C LEU H 49 10.89 13.80 1.61
N ALA H 51 12.23 16.65 2.65
CA ALA H 51 13.10 17.05 3.74
C ALA H 51 13.98 15.91 4.21
N SER H 52 13.40 14.72 4.33
CA SER H 52 14.12 13.54 4.77
C SER H 52 15.26 13.24 3.83
N LYS H 53 14.94 13.28 2.55
CA LYS H 53 15.89 13.02 1.47
C LYS H 53 17.08 14.00 1.45
N ASP H 54 16.79 15.28 1.66
CA ASP H 54 17.81 16.30 1.67
C ASP H 54 18.56 16.36 2.99
N LYS H 55 18.23 15.47 3.92
CA LYS H 55 18.86 15.43 5.23
C LYS H 55 18.74 16.76 5.99
N ASP H 56 17.78 17.59 5.57
CA ASP H 56 17.54 18.89 6.19
C ASP H 56 16.78 18.68 7.49
N LYS H 57 17.48 18.19 8.52
CA LYS H 57 16.87 17.89 9.81
C LYS H 57 15.99 18.95 10.44
N LEU H 58 16.29 20.22 10.22
CA LEU H 58 15.45 21.26 10.78
C LEU H 58 14.15 21.40 10.00
N HIS H 59 14.20 21.28 8.68
CA HIS H 59 13.00 21.39 7.88
C HIS H 59 12.14 20.16 8.09
N LEU H 60 12.77 19.02 8.35
CA LEU H 60 12.05 17.78 8.59
C LEU H 60 11.08 17.91 9.76
N VAL H 61 11.61 18.36 10.89
CA VAL H 61 10.81 18.57 12.08
C VAL H 61 9.72 19.62 11.85
N ARG H 62 10.01 20.68 11.11
CA ARG H 62 9.01 21.70 10.85
C ARG H 62 7.86 21.12 10.05
N GLU H 63 8.17 20.28 9.07
CA GLU H 63 7.14 19.68 8.23
C GLU H 63 6.36 18.60 8.95
N VAL H 64 7.05 17.71 9.63
CA VAL H 64 6.35 16.68 10.39
C VAL H 64 5.37 17.34 11.34
N ALA H 65 5.75 18.48 11.90
CA ALA H 65 4.88 19.18 12.82
C ALA H 65 3.70 19.77 12.05
N ASP H 66 3.97 20.34 10.89
CA ASP H 66 2.90 20.92 10.08
C ASP H 66 1.94 19.82 9.65
N LEU H 67 2.48 18.62 9.44
CA LEU H 67 1.71 17.45 9.04
C LEU H 67 0.79 17.07 10.20
N TRP H 68 1.38 16.84 11.37
CA TRP H 68 0.59 16.51 12.55
C TRP H 68 -0.47 17.56 12.75
N PHE H 69 -0.08 18.82 12.62
CA PHE H 69 -1.05 19.89 12.80
C PHE H 69 -2.25 19.76 11.90
N HIS H 70 -2.01 19.62 10.62
CA HIS H 70 -3.13 19.52 9.69
C HIS H 70 -3.91 18.22 9.87
N THR H 71 -3.24 17.21 10.42
CA THR H 71 -3.87 15.95 10.69
C THR H 71 -4.93 16.19 11.79
N VAL H 73 -6.28 19.11 12.39
CA VAL H 73 -7.33 19.95 11.82
C VAL H 73 -8.34 19.02 11.17
N LEU H 74 -7.84 17.97 10.51
CA LEU H 74 -8.70 16.99 9.85
C LEU H 74 -9.56 16.29 10.90
N LEU H 75 -8.93 15.77 11.95
CA LEU H 75 -9.66 15.09 13.02
C LEU H 75 -10.78 15.97 13.57
N THR H 76 -10.46 17.24 13.82
CA THR H 76 -11.44 18.17 14.33
C THR H 76 -12.58 18.36 13.36
N TYR H 77 -12.28 18.32 12.07
CA TYR H 77 -13.31 18.47 11.06
C TYR H 77 -14.29 17.30 11.11
N HIS H 78 -13.79 16.14 11.53
CA HIS H 78 -14.61 14.94 11.64
C HIS H 78 -15.12 14.72 13.06
N GLY H 79 -15.15 15.78 13.87
CA GLY H 79 -15.63 15.67 15.22
C GLY H 79 -14.83 14.73 16.11
N LEU H 80 -13.56 14.54 15.79
CA LEU H 80 -12.68 13.68 16.58
C LEU H 80 -11.60 14.56 17.18
N ARG H 81 -10.63 13.94 17.85
CA ARG H 81 -9.53 14.71 18.43
C ARG H 81 -8.27 13.93 18.78
N PRO H 82 -7.13 14.63 18.89
CA PRO H 82 -5.79 14.10 19.20
C PRO H 82 -5.72 12.91 20.12
N GLU H 83 -6.34 13.02 21.28
CA GLU H 83 -6.34 11.96 22.28
C GLU H 83 -6.72 10.61 21.67
N ASP H 84 -7.64 10.63 20.72
CA ASP H 84 -8.07 9.42 20.04
C ASP H 84 -6.87 8.75 19.41
N VAL H 85 -6.09 9.55 18.70
CA VAL H 85 -4.89 9.09 18.03
C VAL H 85 -3.83 8.64 19.04
N VAL H 86 -3.68 9.43 20.09
CA VAL H 86 -2.70 9.11 21.12
C VAL H 86 -3.06 7.78 21.79
N GLU H 88 -4.98 5.48 20.58
CA GLU H 88 -4.87 4.44 19.57
C GLU H 88 -3.40 4.01 19.46
N LEU H 89 -2.49 4.97 19.65
CA LEU H 89 -1.06 4.69 19.60
C LEU H 89 -0.68 3.86 20.81
N HIS H 90 -1.26 4.19 21.96
CA HIS H 90 -1.00 3.50 23.22
C HIS H 90 -1.53 2.06 23.16
N ARG H 91 -2.74 1.91 22.63
CA ARG H 91 -3.36 0.60 22.51
C ARG H 91 -2.47 -0.38 21.74
N ARG H 92 -1.71 0.12 20.77
CA ARG H 92 -0.82 -0.71 19.98
C ARG H 92 0.47 -1.02 20.74
N GLU H 93 1.46 -0.13 20.63
CA GLU H 93 2.76 -0.27 21.31
C GLU H 93 2.65 -0.06 22.82
N GLY H 94 2.86 -1.13 23.57
CA GLY H 94 2.77 -1.07 25.02
C GLY H 94 1.39 -1.45 25.53
N ASP I 4 -28.02 3.71 64.74
CA ASP I 4 -27.19 4.93 64.47
C ASP I 4 -27.96 5.98 63.67
N VAL I 5 -27.98 5.84 62.35
CA VAL I 5 -28.67 6.74 61.44
C VAL I 5 -29.38 5.84 60.43
N LEU I 6 -28.65 4.81 59.99
CA LEU I 6 -29.15 3.84 59.03
C LEU I 6 -30.24 2.99 59.68
N LYS I 7 -30.04 2.66 60.95
CA LYS I 7 -31.01 1.86 61.72
C LYS I 7 -32.36 2.55 61.77
N ASN I 8 -32.34 3.86 61.99
CA ASN I 8 -33.55 4.65 62.06
C ASN I 8 -34.26 4.66 60.71
N ILE I 9 -33.48 4.81 59.64
CA ILE I 9 -34.02 4.80 58.29
C ILE I 9 -34.62 3.41 58.01
N ALA I 10 -33.90 2.37 58.39
CA ALA I 10 -34.36 1.00 58.21
C ALA I 10 -35.71 0.82 58.91
N ASP I 11 -35.75 1.21 60.18
CA ASP I 11 -36.95 1.11 60.99
C ASP I 11 -38.10 1.85 60.34
N THR I 12 -37.80 3.01 59.75
CA THR I 12 -38.81 3.83 59.09
C THR I 12 -39.33 3.10 57.85
N LEU I 13 -38.42 2.43 57.15
CA LEU I 13 -38.77 1.70 55.94
C LEU I 13 -39.69 0.54 56.29
N GLU I 14 -39.28 -0.27 57.28
CA GLU I 14 -40.07 -1.41 57.74
C GLU I 14 -41.43 -0.94 58.23
N ALA I 15 -41.45 0.23 58.87
CA ALA I 15 -42.68 0.80 59.40
C ALA I 15 -43.71 0.99 58.30
N ARG I 16 -43.32 1.70 57.24
CA ARG I 16 -44.24 1.94 56.13
C ARG I 16 -44.15 0.88 55.04
N ARG I 17 -43.58 -0.28 55.40
CA ARG I 17 -43.43 -1.41 54.49
C ARG I 17 -44.76 -1.73 53.82
N GLU I 18 -45.80 -1.88 54.64
CA GLU I 18 -47.13 -2.19 54.13
C GLU I 18 -48.12 -1.08 54.48
N ALA I 19 -47.74 0.16 54.15
CA ALA I 19 -48.57 1.32 54.40
C ALA I 19 -49.38 1.64 53.14
N ALA I 20 -49.99 2.82 53.11
CA ALA I 20 -50.78 3.24 51.97
C ALA I 20 -49.90 3.61 50.78
N PRO I 21 -50.29 3.20 49.56
CA PRO I 21 -49.53 3.49 48.33
C PRO I 21 -49.27 4.99 48.16
N GLN I 22 -50.20 5.80 48.65
CA GLN I 22 -50.10 7.25 48.55
C GLN I 22 -49.45 7.87 49.79
N SER I 23 -49.28 7.05 50.84
CA SER I 23 -48.69 7.48 52.11
C SER I 23 -47.36 8.20 51.96
N SER I 24 -46.42 7.57 51.25
CA SER I 24 -45.10 8.14 51.05
C SER I 24 -44.52 7.64 49.72
N TYR I 25 -43.29 8.09 49.44
CA TYR I 25 -42.58 7.67 48.23
C TYR I 25 -42.14 6.22 48.43
N VAL I 26 -41.55 5.95 49.59
CA VAL I 26 -41.08 4.61 49.95
C VAL I 26 -42.25 3.62 49.88
N ALA I 27 -43.44 4.09 50.27
CA ALA I 27 -44.63 3.26 50.26
C ALA I 27 -45.07 2.96 48.82
N SER I 28 -44.98 3.96 47.94
CA SER I 28 -45.38 3.76 46.54
C SER I 28 -44.47 2.73 45.88
N LEU I 29 -43.17 2.79 46.21
CA LEU I 29 -42.19 1.85 45.67
C LEU I 29 -42.55 0.42 46.05
N PHE I 30 -42.69 0.18 47.35
CA PHE I 30 -43.03 -1.13 47.86
C PHE I 30 -44.28 -1.67 47.19
N HIS I 31 -45.25 -0.80 46.95
CA HIS I 31 -46.49 -1.22 46.30
C HIS I 31 -46.26 -1.58 44.83
N LYS I 32 -45.39 -0.82 44.16
CA LYS I 32 -45.08 -1.06 42.76
C LYS I 32 -44.36 -2.39 42.56
N GLY I 33 -43.48 -2.74 43.50
CA GLY I 33 -42.78 -4.01 43.40
C GLY I 33 -41.26 -4.03 43.31
N GLU I 34 -40.73 -5.25 43.23
CA GLU I 34 -39.30 -5.49 43.14
C GLU I 34 -38.65 -4.76 41.97
N ASP I 35 -39.22 -4.93 40.78
CA ASP I 35 -38.69 -4.28 39.59
C ASP I 35 -38.54 -2.77 39.73
N ALA I 36 -39.60 -2.11 40.20
CA ALA I 36 -39.59 -0.68 40.41
C ALA I 36 -38.46 -0.26 41.34
N ILE I 37 -38.12 -1.11 42.31
CA ILE I 37 -37.03 -0.82 43.25
C ILE I 37 -35.69 -1.01 42.57
N LEU I 38 -35.58 -2.09 41.79
CA LEU I 38 -34.36 -2.41 41.08
C LEU I 38 -34.03 -1.37 40.01
N LYS I 39 -35.07 -0.79 39.40
CA LYS I 39 -34.87 0.24 38.39
C LYS I 39 -34.12 1.40 39.03
N LYS I 40 -34.58 1.80 40.20
CA LYS I 40 -33.99 2.88 40.95
C LYS I 40 -32.55 2.56 41.37
N VAL I 41 -32.31 1.34 41.82
CA VAL I 41 -30.96 0.95 42.21
C VAL I 41 -30.01 1.13 41.03
N ALA I 42 -30.42 0.62 39.88
CA ALA I 42 -29.64 0.69 38.66
C ALA I 42 -29.43 2.14 38.24
N GLU I 43 -30.48 2.93 38.33
CA GLU I 43 -30.46 4.33 37.98
C GLU I 43 -29.40 5.09 38.79
N GLU I 44 -29.47 4.97 40.12
CA GLU I 44 -28.53 5.65 40.99
C GLU I 44 -27.11 5.14 40.78
N ALA I 45 -26.98 3.89 40.40
CA ALA I 45 -25.67 3.31 40.14
C ALA I 45 -25.04 4.01 38.93
N ALA I 46 -25.85 4.18 37.87
CA ALA I 46 -25.40 4.82 36.64
C ALA I 46 -25.07 6.27 36.87
N GLU I 47 -25.87 6.93 37.71
CA GLU I 47 -25.63 8.33 37.99
C GLU I 47 -24.37 8.51 38.79
N THR I 48 -24.05 7.51 39.61
CA THR I 48 -22.85 7.52 40.41
C THR I 48 -21.67 7.50 39.46
N LEU I 49 -21.76 6.68 38.41
CA LEU I 49 -20.71 6.61 37.41
C LEU I 49 -20.53 7.97 36.71
N ALA I 51 -21.53 10.98 37.69
CA ALA I 51 -21.04 11.97 38.64
C ALA I 51 -19.54 11.85 38.86
N SER I 52 -19.04 10.63 39.02
CA SER I 52 -17.62 10.43 39.23
C SER I 52 -16.80 10.95 38.05
N LYS I 53 -17.29 10.65 36.85
CA LYS I 53 -16.63 11.07 35.62
C LYS I 53 -16.56 12.58 35.47
N ASP I 54 -17.64 13.25 35.83
CA ASP I 54 -17.73 14.69 35.76
C ASP I 54 -17.01 15.38 36.93
N LYS I 55 -16.43 14.60 37.82
CA LYS I 55 -15.76 15.14 39.00
C LYS I 55 -16.67 16.03 39.87
N ASP I 56 -17.97 15.91 39.67
CA ASP I 56 -18.93 16.69 40.43
C ASP I 56 -19.08 16.03 41.80
N LYS I 57 -18.08 16.25 42.66
CA LYS I 57 -18.06 15.67 44.01
C LYS I 57 -19.32 15.84 44.85
N LEU I 58 -20.05 16.92 44.65
CA LEU I 58 -21.28 17.10 45.42
C LEU I 58 -22.40 16.20 44.92
N HIS I 59 -22.48 16.02 43.60
CA HIS I 59 -23.50 15.18 43.01
C HIS I 59 -23.18 13.72 43.31
N LEU I 60 -21.90 13.39 43.34
CA LEU I 60 -21.44 12.03 43.62
C LEU I 60 -21.98 11.55 44.96
N VAL I 61 -21.75 12.34 46.02
CA VAL I 61 -22.22 11.98 47.35
C VAL I 61 -23.74 11.89 47.38
N ARG I 62 -24.43 12.78 46.68
CA ARG I 62 -25.89 12.75 46.67
C ARG I 62 -26.39 11.47 46.04
N GLU I 63 -25.73 11.04 44.97
CA GLU I 63 -26.14 9.82 44.29
C GLU I 63 -25.76 8.56 45.06
N VAL I 64 -24.52 8.49 45.53
CA VAL I 64 -24.11 7.34 46.31
C VAL I 64 -25.08 7.15 47.50
N ALA I 65 -25.56 8.26 48.05
CA ALA I 65 -26.50 8.19 49.17
C ALA I 65 -27.84 7.67 48.67
N ASP I 66 -28.26 8.16 47.52
CA ASP I 66 -29.54 7.74 46.95
C ASP I 66 -29.46 6.24 46.62
N LEU I 67 -28.25 5.80 46.25
CA LEU I 67 -27.99 4.41 45.91
C LEU I 67 -28.14 3.57 47.16
N TRP I 68 -27.37 3.90 48.20
CA TRP I 68 -27.46 3.18 49.47
C TRP I 68 -28.89 3.17 49.94
N PHE I 69 -29.56 4.31 49.82
CA PHE I 69 -30.93 4.37 50.27
C PHE I 69 -31.81 3.35 49.59
N HIS I 70 -31.77 3.31 48.26
CA HIS I 70 -32.61 2.37 47.53
C HIS I 70 -32.18 0.93 47.75
N THR I 71 -30.91 0.77 48.06
CA THR I 71 -30.36 -0.54 48.36
C THR I 71 -31.05 -1.02 49.66
N VAL I 73 -33.95 0.04 50.70
CA VAL I 73 -35.34 -0.19 50.40
C VAL I 73 -35.47 -1.62 49.86
N LEU I 74 -34.49 -2.02 49.05
CA LEU I 74 -34.47 -3.35 48.46
C LEU I 74 -34.37 -4.38 49.60
N LEU I 75 -33.38 -4.21 50.47
CA LEU I 75 -33.19 -5.12 51.61
C LEU I 75 -34.48 -5.28 52.40
N THR I 76 -35.14 -4.17 52.70
CA THR I 76 -36.38 -4.19 53.46
C THR I 76 -37.48 -4.97 52.73
N TYR I 77 -37.47 -4.88 51.39
CA TYR I 77 -38.45 -5.60 50.58
C TYR I 77 -38.26 -7.10 50.73
N HIS I 78 -37.02 -7.53 50.93
CA HIS I 78 -36.69 -8.94 51.10
C HIS I 78 -36.62 -9.36 52.57
N GLY I 79 -37.24 -8.58 53.44
CA GLY I 79 -37.23 -8.91 54.86
C GLY I 79 -35.86 -8.92 55.51
N LEU I 80 -34.93 -8.16 54.98
CA LEU I 80 -33.58 -8.05 55.54
C LEU I 80 -33.40 -6.61 56.00
N ARG I 81 -32.20 -6.26 56.44
CA ARG I 81 -31.92 -4.90 56.87
C ARG I 81 -30.44 -4.50 56.94
N PRO I 82 -30.16 -3.19 56.86
CA PRO I 82 -28.83 -2.57 56.90
C PRO I 82 -27.75 -3.26 57.70
N GLU I 83 -28.05 -3.53 58.97
CA GLU I 83 -27.10 -4.17 59.87
C GLU I 83 -26.48 -5.42 59.23
N ASP I 84 -27.29 -6.14 58.47
CA ASP I 84 -26.82 -7.35 57.78
C ASP I 84 -25.63 -6.98 56.91
N VAL I 85 -25.81 -5.91 56.13
CA VAL I 85 -24.78 -5.41 55.22
C VAL I 85 -23.58 -4.88 55.99
N VAL I 86 -23.88 -4.17 57.08
CA VAL I 86 -22.82 -3.60 57.90
C VAL I 86 -21.99 -4.72 58.52
N GLU I 88 -21.81 -7.78 57.49
CA GLU I 88 -21.15 -8.48 56.40
C GLU I 88 -19.89 -7.71 55.99
N LEU I 89 -19.95 -6.38 56.09
CA LEU I 89 -18.80 -5.55 55.77
C LEU I 89 -17.72 -5.76 56.81
N HIS I 90 -18.15 -5.87 58.07
CA HIS I 90 -17.25 -6.07 59.21
C HIS I 90 -16.58 -7.43 59.14
N ARG I 91 -17.37 -8.45 58.83
CA ARG I 91 -16.87 -9.81 58.71
C ARG I 91 -15.69 -9.90 57.73
N ARG I 92 -15.71 -9.08 56.68
CA ARG I 92 -14.65 -9.06 55.68
C ARG I 92 -13.43 -8.28 56.19
N GLU I 93 -13.44 -6.96 55.97
CA GLU I 93 -12.36 -6.07 56.39
C GLU I 93 -12.32 -5.90 57.91
N GLY I 94 -11.27 -6.41 58.53
CA GLY I 94 -11.11 -6.31 59.97
C GLY I 94 -11.67 -7.54 60.67
N ASP J 4 -17.65 4.16 63.61
CA ASP J 4 -18.47 2.95 63.90
C ASP J 4 -17.84 1.67 63.33
N VAL J 5 -18.09 1.39 62.06
CA VAL J 5 -17.56 0.22 61.35
C VAL J 5 -17.10 0.73 59.99
N LEU J 6 -17.93 1.59 59.39
CA LEU J 6 -17.65 2.19 58.10
C LEU J 6 -16.49 3.17 58.22
N LYS J 7 -16.46 3.90 59.35
CA LYS J 7 -15.40 4.87 59.61
C LYS J 7 -14.03 4.19 59.60
N ASN J 8 -13.97 3.02 60.23
CA ASN J 8 -12.73 2.25 60.31
C ASN J 8 -12.32 1.81 58.93
N ILE J 9 -13.28 1.34 58.14
CA ILE J 9 -13.02 0.90 56.77
C ILE J 9 -12.52 2.09 55.96
N ALA J 10 -13.19 3.23 56.13
CA ALA J 10 -12.83 4.46 55.45
C ALA J 10 -11.39 4.84 55.76
N ASP J 11 -11.07 4.85 57.05
CA ASP J 11 -9.72 5.19 57.52
C ASP J 11 -8.70 4.25 56.93
N THR J 12 -9.06 2.97 56.82
CA THR J 12 -8.19 1.95 56.26
C THR J 12 -7.95 2.25 54.78
N LEU J 13 -9.02 2.66 54.09
CA LEU J 13 -8.94 2.98 52.67
C LEU J 13 -8.01 4.16 52.44
N GLU J 14 -8.24 5.24 53.19
CA GLU J 14 -7.42 6.45 53.09
C GLU J 14 -5.97 6.14 53.44
N ALA J 15 -5.79 5.22 54.39
CA ALA J 15 -4.46 4.81 54.83
C ALA J 15 -3.65 4.25 53.66
N ARG J 16 -4.20 3.25 52.98
CA ARG J 16 -3.52 2.65 51.84
C ARG J 16 -3.87 3.32 50.51
N ARG J 17 -4.39 4.54 50.59
CA ARG J 17 -4.76 5.32 49.40
C ARG J 17 -3.59 5.38 48.42
N GLU J 18 -2.42 5.75 48.93
CA GLU J 18 -1.23 5.83 48.10
C GLU J 18 -0.17 4.88 48.60
N ALA J 19 -0.55 3.61 48.74
CA ALA J 19 0.36 2.56 49.18
C ALA J 19 0.91 1.83 47.95
N ALA J 20 1.55 0.68 48.18
CA ALA J 20 2.12 -0.10 47.09
C ALA J 20 1.04 -0.80 46.28
N PRO J 21 1.16 -0.80 44.93
CA PRO J 21 0.17 -1.43 44.06
C PRO J 21 -0.07 -2.90 44.43
N GLN J 22 0.98 -3.55 44.94
CA GLN J 22 0.90 -4.96 45.34
C GLN J 22 0.54 -5.14 46.80
N SER J 23 0.56 -4.02 47.55
CA SER J 23 0.25 -4.01 48.98
C SER J 23 -1.06 -4.71 49.33
N SER J 24 -2.14 -4.30 48.67
CA SER J 24 -3.46 -4.87 48.90
C SER J 24 -4.31 -4.80 47.64
N TYR J 25 -5.55 -5.27 47.76
CA TYR J 25 -6.51 -5.23 46.64
C TYR J 25 -6.95 -3.78 46.46
N VAL J 26 -7.31 -3.15 47.57
CA VAL J 26 -7.75 -1.76 47.56
C VAL J 26 -6.66 -0.89 46.95
N ALA J 27 -5.41 -1.25 47.24
CA ALA J 27 -4.27 -0.52 46.73
C ALA J 27 -4.13 -0.66 45.21
N SER J 28 -4.34 -1.89 44.72
CA SER J 28 -4.24 -2.15 43.28
C SER J 28 -5.28 -1.36 42.53
N LEU J 29 -6.48 -1.27 43.12
CA LEU J 29 -7.59 -0.53 42.52
C LEU J 29 -7.23 0.94 42.35
N PHE J 30 -6.83 1.57 43.45
CA PHE J 30 -6.44 2.98 43.44
C PHE J 30 -5.38 3.25 42.39
N HIS J 31 -4.43 2.32 42.25
CA HIS J 31 -3.37 2.47 41.26
C HIS J 31 -3.91 2.34 39.84
N LYS J 32 -4.86 1.43 39.64
CA LYS J 32 -5.47 1.22 38.33
C LYS J 32 -6.24 2.44 37.87
N GLY J 33 -6.95 3.08 38.79
CA GLY J 33 -7.69 4.28 38.42
C GLY J 33 -9.20 4.32 38.64
N GLU J 34 -9.77 5.47 38.28
CA GLU J 34 -11.20 5.72 38.40
C GLU J 34 -12.02 4.66 37.70
N ASP J 35 -11.72 4.44 36.41
CA ASP J 35 -12.43 3.47 35.61
C ASP J 35 -12.49 2.09 36.27
N ALA J 36 -11.34 1.57 36.70
CA ALA J 36 -11.26 0.28 37.37
C ALA J 36 -12.19 0.20 38.58
N ILE J 37 -12.35 1.32 39.27
CA ILE J 37 -13.23 1.38 40.44
C ILE J 37 -14.68 1.39 40.01
N LEU J 38 -14.99 2.18 38.98
CA LEU J 38 -16.34 2.29 38.45
C LEU J 38 -16.83 0.96 37.87
N LYS J 39 -15.91 0.18 37.29
CA LYS J 39 -16.25 -1.12 36.72
C LYS J 39 -16.82 -1.98 37.82
N LYS J 40 -16.12 -2.00 38.93
CA LYS J 40 -16.53 -2.78 40.07
C LYS J 40 -17.86 -2.30 40.64
N VAL J 41 -18.07 -0.99 40.72
CA VAL J 41 -19.30 -0.47 41.25
C VAL J 41 -20.47 -0.97 40.40
N ALA J 42 -20.30 -0.88 39.09
CA ALA J 42 -21.33 -1.29 38.13
C ALA J 42 -21.57 -2.80 38.22
N GLU J 43 -20.48 -3.54 38.36
CA GLU J 43 -20.52 -4.99 38.48
C GLU J 43 -21.38 -5.42 39.67
N GLU J 44 -21.04 -4.90 40.86
CA GLU J 44 -21.76 -5.23 42.07
C GLU J 44 -23.21 -4.79 42.01
N ALA J 45 -23.48 -3.72 41.27
CA ALA J 45 -24.83 -3.22 41.13
C ALA J 45 -25.66 -4.21 40.33
N ALA J 46 -25.06 -4.75 39.28
CA ALA J 46 -25.74 -5.71 38.41
C ALA J 46 -25.95 -7.03 39.15
N GLU J 47 -24.97 -7.41 39.95
CA GLU J 47 -25.08 -8.64 40.70
C GLU J 47 -26.17 -8.50 41.76
N THR J 48 -26.34 -7.29 42.28
CA THR J 48 -27.38 -7.02 43.26
C THR J 48 -28.73 -7.27 42.59
N LEU J 49 -28.88 -6.86 41.34
CA LEU J 49 -30.11 -7.06 40.61
C LEU J 49 -30.36 -8.57 40.42
N ALA J 51 -29.09 -11.14 42.08
CA ALA J 51 -29.35 -11.77 43.37
C ALA J 51 -30.78 -11.54 43.82
N SER J 52 -31.27 -10.31 43.69
CA SER J 52 -32.62 -9.99 44.11
C SER J 52 -33.62 -10.82 43.35
N LYS J 53 -33.40 -10.96 42.05
CA LYS J 53 -34.28 -11.71 41.18
C LYS J 53 -34.31 -13.20 41.53
N ASP J 54 -33.15 -13.75 41.86
CA ASP J 54 -33.06 -15.16 42.22
C ASP J 54 -33.48 -15.42 43.67
N LYS J 55 -33.93 -14.39 44.36
CA LYS J 55 -34.33 -14.48 45.77
C LYS J 55 -33.22 -15.07 46.65
N ASP J 56 -31.99 -15.04 46.16
CA ASP J 56 -30.85 -15.55 46.91
C ASP J 56 -30.46 -14.52 47.97
N LYS J 57 -31.26 -14.44 49.04
CA LYS J 57 -31.05 -13.48 50.11
C LYS J 57 -29.66 -13.43 50.71
N LEU J 58 -28.92 -14.53 50.69
CA LEU J 58 -27.57 -14.47 51.23
C LEU J 58 -26.62 -13.80 50.27
N HIS J 59 -26.81 -14.07 48.97
CA HIS J 59 -25.95 -13.47 47.96
C HIS J 59 -26.25 -11.96 47.84
N LEU J 60 -27.52 -11.61 48.02
CA LEU J 60 -27.96 -10.23 47.94
C LEU J 60 -27.19 -9.36 48.92
N VAL J 61 -27.19 -9.76 50.19
CA VAL J 61 -26.48 -9.02 51.22
C VAL J 61 -24.98 -8.99 50.94
N ARG J 62 -24.41 -10.07 50.41
CA ARG J 62 -22.99 -10.08 50.12
C ARG J 62 -22.65 -9.07 49.03
N GLU J 63 -23.52 -8.99 48.03
CA GLU J 63 -23.30 -8.05 46.92
C GLU J 63 -23.56 -6.61 47.32
N VAL J 64 -24.68 -6.35 48.01
CA VAL J 64 -24.98 -5.01 48.44
C VAL J 64 -23.82 -4.50 49.27
N ALA J 65 -23.20 -5.39 50.03
CA ALA J 65 -22.06 -5.01 50.86
C ALA J 65 -20.85 -4.71 50.00
N ASP J 66 -20.63 -5.54 48.99
CA ASP J 66 -19.51 -5.35 48.08
C ASP J 66 -19.72 -4.03 47.31
N LEU J 67 -21.00 -3.70 47.04
CA LEU J 67 -21.36 -2.49 46.34
C LEU J 67 -20.99 -1.29 47.23
N TRP J 68 -21.53 -1.27 48.44
CA TRP J 68 -21.24 -0.19 49.39
C TRP J 68 -19.74 -0.04 49.56
N PHE J 69 -19.05 -1.18 49.66
CA PHE J 69 -17.61 -1.13 49.81
C PHE J 69 -16.92 -0.42 48.66
N HIS J 70 -17.22 -0.81 47.43
CA HIS J 70 -16.58 -0.17 46.30
C HIS J 70 -17.00 1.28 46.13
N THR J 71 -18.18 1.58 46.63
CA THR J 71 -18.73 2.93 46.61
C THR J 71 -17.83 3.78 47.51
N VAL J 73 -14.74 3.03 48.23
CA VAL J 73 -13.44 3.10 47.59
C VAL J 73 -13.48 4.28 46.62
N LEU J 74 -14.62 4.44 45.94
CA LEU J 74 -14.80 5.53 44.99
C LEU J 74 -14.71 6.86 45.72
N LEU J 75 -15.48 7.00 46.80
CA LEU J 75 -15.48 8.24 47.59
C LEU J 75 -14.07 8.60 48.02
N THR J 76 -13.34 7.60 48.51
CA THR J 76 -11.97 7.79 48.97
C THR J 76 -11.08 8.29 47.83
N TYR J 77 -11.32 7.79 46.63
CA TYR J 77 -10.56 8.19 45.45
C TYR J 77 -10.80 9.67 45.13
N HIS J 78 -11.98 10.17 45.49
CA HIS J 78 -12.34 11.56 45.25
C HIS J 78 -12.14 12.43 46.48
N GLY J 79 -11.31 11.97 47.42
CA GLY J 79 -11.04 12.73 48.62
C GLY J 79 -12.26 12.98 49.49
N LEU J 80 -13.25 12.09 49.42
CA LEU J 80 -14.45 12.20 50.23
C LEU J 80 -14.48 10.98 51.14
N ARG J 81 -15.57 10.83 51.90
CA ARG J 81 -15.70 9.68 52.79
C ARG J 81 -17.13 9.39 53.26
N PRO J 82 -17.39 8.13 53.69
CA PRO J 82 -18.65 7.59 54.18
C PRO J 82 -19.57 8.53 54.94
N GLU J 83 -19.02 9.21 55.94
CA GLU J 83 -19.80 10.14 56.76
C GLU J 83 -20.58 11.11 55.91
N ASP J 84 -19.97 11.53 54.80
CA ASP J 84 -20.62 12.46 53.89
C ASP J 84 -21.93 11.86 53.40
N VAL J 85 -21.87 10.60 53.00
CA VAL J 85 -23.02 9.86 52.52
C VAL J 85 -24.02 9.64 53.63
N VAL J 86 -23.52 9.27 54.80
CA VAL J 86 -24.38 9.04 55.94
C VAL J 86 -25.12 10.33 56.34
N GLU J 88 -25.61 12.90 54.47
CA GLU J 88 -26.48 13.26 53.36
C GLU J 88 -27.77 12.45 53.46
N LEU J 89 -27.64 11.23 53.98
CA LEU J 89 -28.80 10.36 54.16
C LEU J 89 -29.66 10.90 55.30
N HIS J 90 -28.99 11.40 56.34
CA HIS J 90 -29.65 11.98 57.51
C HIS J 90 -30.38 13.26 57.14
N ARG J 91 -29.71 14.10 56.36
CA ARG J 91 -30.27 15.37 55.92
C ARG J 91 -31.62 15.17 55.22
N ARG J 92 -31.76 14.06 54.50
CA ARG J 92 -33.01 13.76 53.80
C ARG J 92 -34.07 13.23 54.75
N GLU J 93 -34.06 11.90 54.97
CA GLU J 93 -35.03 11.24 55.86
C GLU J 93 -34.75 11.55 57.33
N GLY J 94 -35.68 12.27 57.95
CA GLY J 94 -35.53 12.64 59.35
C GLY J 94 -34.89 14.00 59.52
N ASP K 4 -27.38 -10.53 6.71
CA ASP K 4 -26.48 -9.38 6.41
C ASP K 4 -25.08 -9.58 7.01
N VAL K 5 -24.92 -9.24 8.29
CA VAL K 5 -23.66 -9.37 9.03
C VAL K 5 -24.04 -9.95 10.38
N LEU K 6 -25.12 -9.42 10.95
CA LEU K 6 -25.63 -9.85 12.24
C LEU K 6 -26.21 -11.27 12.12
N LYS K 7 -26.86 -11.54 10.98
CA LYS K 7 -27.46 -12.85 10.70
C LYS K 7 -26.40 -13.94 10.76
N ASN K 8 -25.25 -13.64 10.16
CA ASN K 8 -24.12 -14.56 10.11
C ASN K 8 -23.62 -14.83 11.52
N ILE K 9 -23.50 -13.75 12.29
CA ILE K 9 -23.03 -13.84 13.68
C ILE K 9 -24.04 -14.68 14.48
N ALA K 10 -25.33 -14.39 14.27
CA ALA K 10 -26.42 -15.11 14.94
C ALA K 10 -26.30 -16.61 14.65
N ASP K 11 -26.20 -16.92 13.36
CA ASP K 11 -26.08 -18.30 12.89
C ASP K 11 -24.88 -18.99 13.53
N THR K 12 -23.79 -18.25 13.66
CA THR K 12 -22.55 -18.77 14.26
C THR K 12 -22.78 -19.06 15.75
N LEU K 13 -23.54 -18.17 16.40
CA LEU K 13 -23.85 -18.32 17.81
C LEU K 13 -24.68 -19.57 18.04
N GLU K 14 -25.76 -19.70 17.26
CA GLU K 14 -26.66 -20.85 17.34
C GLU K 14 -25.91 -22.13 17.03
N ALA K 15 -24.96 -22.04 16.09
CA ALA K 15 -24.16 -23.18 15.70
C ALA K 15 -23.42 -23.76 16.90
N ARG K 16 -22.64 -22.92 17.58
CA ARG K 16 -21.89 -23.36 18.74
C ARG K 16 -22.66 -23.24 20.05
N ARG K 17 -23.99 -23.12 19.93
CA ARG K 17 -24.87 -22.98 21.09
C ARG K 17 -24.61 -24.10 22.09
N GLU K 18 -24.57 -25.33 21.58
CA GLU K 18 -24.30 -26.48 22.43
C GLU K 18 -23.04 -27.20 22.00
N ALA K 19 -21.96 -26.44 21.86
CA ALA K 19 -20.66 -26.99 21.48
C ALA K 19 -19.84 -27.28 22.73
N ALA K 20 -18.55 -27.53 22.54
CA ALA K 20 -17.66 -27.83 23.65
C ALA K 20 -17.36 -26.56 24.45
N PRO K 21 -17.33 -26.67 25.79
CA PRO K 21 -17.04 -25.54 26.68
C PRO K 21 -15.72 -24.86 26.33
N GLN K 22 -14.76 -25.66 25.85
CA GLN K 22 -13.45 -25.15 25.48
C GLN K 22 -13.37 -24.78 24.00
N SER K 23 -14.39 -25.17 23.24
CA SER K 23 -14.46 -24.89 21.81
C SER K 23 -14.20 -23.42 21.45
N SER K 24 -14.94 -22.52 22.08
CA SER K 24 -14.81 -21.09 21.82
C SER K 24 -15.16 -20.29 23.07
N TYR K 25 -15.10 -18.97 22.94
CA TYR K 25 -15.44 -18.05 24.03
C TYR K 25 -16.95 -18.10 24.18
N VAL K 26 -17.65 -17.94 23.05
CA VAL K 26 -19.10 -17.96 23.01
C VAL K 26 -19.61 -19.26 23.62
N ALA K 27 -18.88 -20.33 23.38
CA ALA K 27 -19.25 -21.64 23.90
C ALA K 27 -19.08 -21.70 25.41
N SER K 28 -18.01 -21.11 25.93
CA SER K 28 -17.76 -21.12 27.37
C SER K 28 -18.84 -20.36 28.10
N LEU K 29 -19.29 -19.26 27.48
CA LEU K 29 -20.35 -18.42 28.04
C LEU K 29 -21.62 -19.22 28.22
N PHE K 30 -22.08 -19.78 27.09
CA PHE K 30 -23.29 -20.60 27.08
C PHE K 30 -23.25 -21.69 28.14
N HIS K 31 -22.07 -22.29 28.32
CA HIS K 31 -21.91 -23.34 29.31
C HIS K 31 -21.99 -22.77 30.73
N LYS K 32 -21.43 -21.58 30.92
CA LYS K 32 -21.45 -20.92 32.24
C LYS K 32 -22.85 -20.55 32.68
N GLY K 33 -23.66 -20.10 31.73
CA GLY K 33 -25.04 -19.77 32.05
C GLY K 33 -25.54 -18.36 31.80
N GLU K 34 -26.81 -18.17 32.15
CA GLU K 34 -27.49 -16.88 32.00
C GLU K 34 -26.75 -15.75 32.72
N ASP K 35 -26.46 -15.96 34.00
CA ASP K 35 -25.77 -14.95 34.82
C ASP K 35 -24.46 -14.47 34.19
N ALA K 36 -23.63 -15.41 33.77
CA ALA K 36 -22.35 -15.11 33.13
C ALA K 36 -22.55 -14.23 31.91
N ILE K 37 -23.64 -14.43 31.19
CA ILE K 37 -23.91 -13.63 30.00
C ILE K 37 -24.40 -12.24 30.41
N LEU K 38 -25.25 -12.19 31.42
CA LEU K 38 -25.79 -10.93 31.92
C LEU K 38 -24.70 -10.03 32.51
N LYS K 39 -23.70 -10.64 33.13
CA LYS K 39 -22.58 -9.91 33.72
C LYS K 39 -21.91 -9.12 32.62
N LYS K 40 -21.64 -9.81 31.53
CA LYS K 40 -21.00 -9.21 30.37
C LYS K 40 -21.85 -8.09 29.78
N VAL K 41 -23.15 -8.30 29.68
CA VAL K 41 -24.00 -7.27 29.10
C VAL K 41 -23.92 -6.01 29.96
N ALA K 42 -24.00 -6.20 31.29
CA ALA K 42 -23.95 -5.09 32.23
C ALA K 42 -22.60 -4.40 32.14
N GLU K 43 -21.54 -5.20 32.07
CA GLU K 43 -20.17 -4.70 31.97
C GLU K 43 -20.00 -3.78 30.78
N GLU K 44 -20.37 -4.28 29.60
CA GLU K 44 -20.26 -3.51 28.36
C GLU K 44 -21.12 -2.27 28.38
N ALA K 45 -22.23 -2.32 29.10
CA ALA K 45 -23.13 -1.19 29.19
C ALA K 45 -22.46 -0.08 29.99
N ALA K 46 -21.80 -0.47 31.07
CA ALA K 46 -21.11 0.46 31.94
C ALA K 46 -19.92 1.08 31.21
N GLU K 47 -19.23 0.25 30.45
CA GLU K 47 -18.08 0.72 29.71
C GLU K 47 -18.52 1.71 28.63
N THR K 48 -19.71 1.51 28.10
CA THR K 48 -20.26 2.41 27.08
C THR K 48 -20.45 3.77 27.73
N LEU K 49 -20.90 3.78 28.98
CA LEU K 49 -21.11 5.04 29.70
C LEU K 49 -19.76 5.75 29.90
N ALA K 51 -16.91 5.32 28.31
CA ALA K 51 -16.36 5.74 27.02
C ALA K 51 -17.01 7.02 26.51
N SER K 52 -18.32 7.11 26.66
CA SER K 52 -19.03 8.29 26.20
C SER K 52 -18.58 9.52 26.97
N LYS K 53 -18.40 9.34 28.27
CA LYS K 53 -17.98 10.43 29.13
C LYS K 53 -16.57 10.92 28.79
N ASP K 54 -15.68 9.98 28.53
CA ASP K 54 -14.30 10.30 28.18
C ASP K 54 -14.14 10.77 26.73
N LYS K 55 -15.25 10.86 26.00
CA LYS K 55 -15.26 11.27 24.60
C LYS K 55 -14.34 10.38 23.75
N ASP K 56 -14.01 9.20 24.25
CA ASP K 56 -13.14 8.27 23.55
C ASP K 56 -13.97 7.58 22.46
N LYS K 57 -14.26 8.31 21.40
CA LYS K 57 -15.07 7.80 20.29
C LYS K 57 -14.69 6.44 19.73
N LEU K 58 -13.43 6.08 19.77
CA LEU K 58 -13.05 4.78 19.26
C LEU K 58 -13.40 3.68 20.23
N HIS K 59 -13.24 3.96 21.52
CA HIS K 59 -13.56 2.96 22.53
C HIS K 59 -15.08 2.80 22.63
N LEU K 60 -15.81 3.90 22.41
CA LEU K 60 -17.26 3.89 22.45
C LEU K 60 -17.81 2.88 21.48
N VAL K 61 -17.38 2.97 20.23
CA VAL K 61 -17.84 2.06 19.18
C VAL K 61 -17.44 0.62 19.48
N ARG K 62 -16.25 0.42 20.04
CA ARG K 62 -15.81 -0.93 20.36
C ARG K 62 -16.70 -1.54 21.44
N GLU K 63 -17.09 -0.73 22.42
CA GLU K 63 -17.93 -1.21 23.51
C GLU K 63 -19.36 -1.40 23.09
N VAL K 64 -19.92 -0.44 22.37
CA VAL K 64 -21.29 -0.57 21.91
C VAL K 64 -21.41 -1.84 21.08
N ALA K 65 -20.34 -2.15 20.36
CA ALA K 65 -20.33 -3.36 19.54
C ALA K 65 -20.32 -4.60 20.43
N ASP K 66 -19.45 -4.56 21.44
CA ASP K 66 -19.32 -5.66 22.38
C ASP K 66 -20.65 -5.88 23.13
N LEU K 67 -21.37 -4.77 23.36
CA LEU K 67 -22.67 -4.78 24.03
C LEU K 67 -23.66 -5.50 23.14
N TRP K 68 -23.82 -5.00 21.91
CA TRP K 68 -24.73 -5.63 20.97
C TRP K 68 -24.39 -7.09 20.82
N PHE K 69 -23.10 -7.39 20.74
CA PHE K 69 -22.69 -8.77 20.60
C PHE K 69 -23.17 -9.63 21.74
N HIS K 70 -22.91 -9.22 22.96
CA HIS K 70 -23.37 -10.03 24.09
C HIS K 70 -24.89 -10.06 24.25
N THR K 71 -25.54 -9.04 23.71
CA THR K 71 -26.98 -8.95 23.73
C THR K 71 -27.48 -10.06 22.81
N VAL K 73 -25.80 -12.76 22.16
CA VAL K 73 -25.48 -14.02 22.81
C VAL K 73 -26.62 -14.34 23.73
N LEU K 74 -27.12 -13.31 24.41
CA LEU K 74 -28.25 -13.46 25.33
C LEU K 74 -29.49 -13.97 24.57
N LEU K 75 -29.87 -13.28 23.51
CA LEU K 75 -31.01 -13.68 22.71
C LEU K 75 -30.90 -15.13 22.29
N THR K 76 -29.72 -15.53 21.82
CA THR K 76 -29.48 -16.89 21.38
C THR K 76 -29.67 -17.88 22.51
N TYR K 77 -29.29 -17.49 23.72
CA TYR K 77 -29.46 -18.34 24.89
C TYR K 77 -30.95 -18.56 25.20
N HIS K 78 -31.79 -17.59 24.83
CA HIS K 78 -33.23 -17.69 25.03
C HIS K 78 -33.97 -18.15 23.77
N GLY K 79 -33.26 -18.82 22.86
CA GLY K 79 -33.87 -19.30 21.65
C GLY K 79 -34.47 -18.23 20.74
N LEU K 80 -33.94 -17.02 20.81
CA LEU K 80 -34.40 -15.92 19.96
C LEU K 80 -33.25 -15.54 19.04
N ARG K 81 -33.41 -14.44 18.30
CA ARG K 81 -32.35 -13.97 17.41
C ARG K 81 -32.48 -12.55 16.91
N PRO K 82 -31.34 -11.92 16.56
CA PRO K 82 -31.21 -10.55 16.06
C PRO K 82 -32.36 -9.98 15.27
N GLU K 83 -32.80 -10.71 14.25
CA GLU K 83 -33.88 -10.25 13.39
C GLU K 83 -35.08 -9.80 14.21
N ASP K 84 -35.33 -10.50 15.32
CA ASP K 84 -36.45 -10.15 16.19
C ASP K 84 -36.28 -8.72 16.66
N VAL K 85 -35.07 -8.39 17.11
CA VAL K 85 -34.74 -7.04 17.58
C VAL K 85 -34.82 -6.04 16.44
N VAL K 86 -34.28 -6.42 15.29
CA VAL K 86 -34.29 -5.54 14.13
C VAL K 86 -35.73 -5.24 13.70
N GLU K 88 -38.36 -5.56 15.53
CA GLU K 88 -38.98 -4.83 16.63
C GLU K 88 -38.61 -3.35 16.49
N LEU K 89 -37.40 -3.09 16.00
CA LEU K 89 -36.93 -1.73 15.80
C LEU K 89 -37.70 -1.09 14.65
N HIS K 90 -37.92 -1.88 13.61
CA HIS K 90 -38.64 -1.44 12.43
C HIS K 90 -40.11 -1.15 12.76
N ARG K 91 -40.73 -2.04 13.53
CA ARG K 91 -42.12 -1.90 13.91
C ARG K 91 -42.38 -0.55 14.61
N ARG K 92 -41.37 -0.05 15.33
CA ARG K 92 -41.47 1.22 16.04
C ARG K 92 -41.27 2.40 15.08
N GLU K 93 -40.02 2.80 14.89
CA GLU K 93 -39.65 3.90 13.99
C GLU K 93 -39.83 3.52 12.52
N GLY K 94 -40.79 4.18 11.87
CA GLY K 94 -41.08 3.92 10.47
C GLY K 94 -42.17 2.89 10.30
N ASP L 4 -30.12 -0.76 5.45
CA ASP L 4 -31.01 -1.93 5.71
C ASP L 4 -32.28 -1.52 6.47
N VAL L 5 -32.17 -1.42 7.80
CA VAL L 5 -33.26 -1.03 8.68
C VAL L 5 -32.67 -0.05 9.69
N LEU L 6 -31.48 -0.42 10.17
CA LEU L 6 -30.73 0.39 11.12
C LEU L 6 -30.27 1.68 10.45
N LYS L 7 -29.83 1.57 9.20
CA LYS L 7 -29.35 2.71 8.43
C LYS L 7 -30.43 3.77 8.33
N ASN L 8 -31.66 3.32 8.09
CA ASN L 8 -32.80 4.23 7.96
C ASN L 8 -33.05 4.92 9.29
N ILE L 9 -32.96 4.13 10.38
CA ILE L 9 -33.16 4.67 11.72
C ILE L 9 -32.07 5.69 12.00
N ALA L 10 -30.84 5.33 11.63
CA ALA L 10 -29.68 6.19 11.81
C ALA L 10 -29.91 7.52 11.11
N ASP L 11 -30.27 7.43 9.83
CA ASP L 11 -30.53 8.61 9.00
C ASP L 11 -31.62 9.47 9.62
N THR L 12 -32.64 8.83 10.19
CA THR L 12 -33.75 9.55 10.81
C THR L 12 -33.24 10.28 12.05
N LEU L 13 -32.34 9.64 12.78
CA LEU L 13 -31.76 10.22 13.99
C LEU L 13 -30.96 11.47 13.64
N GLU L 14 -30.05 11.32 12.68
CA GLU L 14 -29.21 12.42 12.22
C GLU L 14 -30.07 13.54 11.69
N ALA L 15 -31.16 13.18 11.03
CA ALA L 15 -32.08 14.15 10.45
C ALA L 15 -32.60 15.10 11.53
N ARG L 16 -33.19 14.53 12.57
CA ARG L 16 -33.73 15.36 13.66
C ARG L 16 -32.72 15.61 14.77
N ARG L 17 -31.44 15.44 14.45
CA ARG L 17 -30.33 15.66 15.40
C ARG L 17 -30.46 17.04 16.03
N GLU L 18 -30.63 18.05 15.19
CA GLU L 18 -30.78 19.42 15.66
C GLU L 18 -32.13 20.01 15.25
N ALA L 19 -33.18 19.26 15.58
CA ALA L 19 -34.55 19.68 15.28
C ALA L 19 -35.13 20.36 16.52
N ALA L 20 -36.45 20.57 16.52
CA ALA L 20 -37.11 21.22 17.64
C ALA L 20 -37.21 20.28 18.84
N PRO L 21 -36.98 20.81 20.06
CA PRO L 21 -37.03 20.01 21.29
C PRO L 21 -38.39 19.30 21.44
N GLN L 22 -39.44 19.93 20.92
CA GLN L 22 -40.78 19.36 21.01
C GLN L 22 -41.14 18.54 19.76
N SER L 23 -40.30 18.63 18.74
CA SER L 23 -40.49 17.91 17.48
C SER L 23 -40.76 16.41 17.65
N SER L 24 -39.88 15.74 18.39
CA SER L 24 -40.01 14.30 18.63
C SER L 24 -39.39 13.92 19.97
N TYR L 25 -39.42 12.63 20.27
CA TYR L 25 -38.83 12.09 21.50
C TYR L 25 -37.32 12.14 21.33
N VAL L 26 -36.85 11.63 20.20
CA VAL L 26 -35.41 11.61 19.89
C VAL L 26 -34.84 13.03 19.93
N ALA L 27 -35.65 14.00 19.51
CA ALA L 27 -35.23 15.40 19.51
C ALA L 27 -35.13 15.94 20.93
N SER L 28 -36.07 15.56 21.81
CA SER L 28 -36.04 16.03 23.20
C SER L 28 -34.79 15.50 23.92
N LEU L 29 -34.43 14.26 23.61
CA LEU L 29 -33.25 13.62 24.18
C LEU L 29 -31.99 14.41 23.83
N PHE L 30 -31.78 14.58 22.52
CA PHE L 30 -30.63 15.31 22.01
C PHE L 30 -30.52 16.68 22.67
N HIS L 31 -31.66 17.33 22.88
CA HIS L 31 -31.67 18.65 23.49
C HIS L 31 -31.30 18.56 24.97
N LYS L 32 -31.76 17.51 25.64
CA LYS L 32 -31.48 17.31 27.06
C LYS L 32 -30.00 17.06 27.30
N GLY L 33 -29.36 16.30 26.40
CA GLY L 33 -27.94 16.05 26.55
C GLY L 33 -27.44 14.63 26.68
N GLU L 34 -26.12 14.50 26.77
CA GLU L 34 -25.43 13.23 26.88
C GLU L 34 -25.94 12.42 28.07
N ASP L 35 -26.01 13.04 29.24
CA ASP L 35 -26.46 12.36 30.45
C ASP L 35 -27.86 11.74 30.28
N ALA L 36 -28.81 12.52 29.77
CA ALA L 36 -30.16 12.03 29.55
C ALA L 36 -30.17 10.80 28.64
N ILE L 37 -29.24 10.75 27.69
CA ILE L 37 -29.15 9.61 26.79
C ILE L 37 -28.54 8.42 27.51
N LEU L 38 -27.51 8.67 28.30
CA LEU L 38 -26.84 7.62 29.05
C LEU L 38 -27.75 7.00 30.09
N LYS L 39 -28.64 7.81 30.65
CA LYS L 39 -29.60 7.33 31.66
C LYS L 39 -30.43 6.24 31.02
N LYS L 40 -30.94 6.54 29.83
CA LYS L 40 -31.76 5.60 29.08
C LYS L 40 -31.02 4.33 28.71
N VAL L 41 -29.77 4.46 28.30
CA VAL L 41 -28.98 3.29 27.94
C VAL L 41 -28.86 2.36 29.12
N ALA L 42 -28.54 2.94 30.27
CA ALA L 42 -28.37 2.18 31.51
C ALA L 42 -29.68 1.54 31.95
N GLU L 43 -30.76 2.30 31.79
CA GLU L 43 -32.09 1.85 32.13
C GLU L 43 -32.46 0.59 31.34
N GLU L 44 -32.36 0.67 30.02
CA GLU L 44 -32.68 -0.45 29.14
C GLU L 44 -31.78 -1.63 29.40
N ALA L 45 -30.55 -1.37 29.80
CA ALA L 45 -29.61 -2.45 30.08
C ALA L 45 -30.05 -3.23 31.32
N ALA L 46 -30.53 -2.50 32.33
CA ALA L 46 -30.98 -3.08 33.56
C ALA L 46 -32.28 -3.86 33.34
N GLU L 47 -33.13 -3.33 32.47
CA GLU L 47 -34.39 -3.97 32.18
C GLU L 47 -34.14 -5.25 31.40
N THR L 48 -33.08 -5.26 30.61
CA THR L 48 -32.70 -6.44 29.84
C THR L 48 -32.32 -7.54 30.82
N LEU L 49 -31.63 -7.17 31.89
CA LEU L 49 -31.24 -8.14 32.91
C LEU L 49 -32.49 -8.70 33.59
N ALA L 51 -35.61 -8.72 32.54
CA ALA L 51 -36.39 -9.52 31.59
C ALA L 51 -35.81 -10.90 31.40
N SER L 52 -34.49 -10.99 31.28
CA SER L 52 -33.81 -12.27 31.10
C SER L 52 -34.08 -13.16 32.30
N LYS L 53 -33.98 -12.59 33.48
CA LYS L 53 -34.21 -13.32 34.72
C LYS L 53 -35.62 -13.87 34.86
N ASP L 54 -36.60 -13.07 34.43
CA ASP L 54 -38.00 -13.46 34.51
C ASP L 54 -38.40 -14.36 33.34
N LYS L 55 -37.46 -14.67 32.46
CA LYS L 55 -37.71 -15.51 31.29
C LYS L 55 -38.82 -14.94 30.40
N ASP L 56 -39.10 -13.67 30.56
CA ASP L 56 -40.13 -13.01 29.78
C ASP L 56 -39.54 -12.69 28.40
N LYS L 57 -39.43 -13.72 27.56
CA LYS L 57 -38.84 -13.60 26.22
C LYS L 57 -39.38 -12.49 25.34
N LEU L 58 -40.64 -12.10 25.55
CA LEU L 58 -41.20 -11.03 24.76
C LEU L 58 -40.70 -9.67 25.22
N HIS L 59 -40.57 -9.52 26.54
CA HIS L 59 -40.10 -8.28 27.11
C HIS L 59 -38.60 -8.12 26.83
N LEU L 60 -37.89 -9.24 26.85
CA LEU L 60 -36.47 -9.25 26.58
C LEU L 60 -36.14 -8.60 25.24
N VAL L 61 -36.80 -9.09 24.18
CA VAL L 61 -36.60 -8.57 22.85
C VAL L 61 -36.97 -7.10 22.79
N ARG L 62 -38.06 -6.71 23.45
CA ARG L 62 -38.46 -5.31 23.42
C ARG L 62 -37.40 -4.42 24.05
N GLU L 63 -36.82 -4.88 25.16
CA GLU L 63 -35.80 -4.10 25.84
C GLU L 63 -34.48 -4.09 25.09
N VAL L 64 -34.03 -5.25 24.65
CA VAL L 64 -32.79 -5.31 23.89
C VAL L 64 -32.88 -4.34 22.70
N ALA L 65 -34.07 -4.25 22.12
CA ALA L 65 -34.28 -3.36 20.98
C ALA L 65 -34.21 -1.90 21.44
N ASP L 66 -34.85 -1.62 22.57
CA ASP L 66 -34.84 -0.28 23.12
C ASP L 66 -33.40 0.12 23.47
N LEU L 67 -32.62 -0.86 23.92
CA LEU L 67 -31.21 -0.67 24.28
C LEU L 67 -30.43 -0.27 23.02
N TRP L 68 -30.48 -1.13 22.01
CA TRP L 68 -29.81 -0.85 20.74
C TRP L 68 -30.24 0.49 20.22
N PHE L 69 -31.52 0.78 20.29
CA PHE L 69 -32.02 2.05 19.81
C PHE L 69 -31.32 3.23 20.49
N HIS L 70 -31.32 3.24 21.82
CA HIS L 70 -30.71 4.35 22.53
C HIS L 70 -29.19 4.38 22.35
N THR L 71 -28.62 3.21 22.08
CA THR L 71 -27.21 3.10 21.83
C THR L 71 -26.93 3.89 20.53
N VAL L 73 -28.82 6.27 19.39
CA VAL L 73 -29.04 7.67 19.68
C VAL L 73 -27.75 8.25 20.22
N LEU L 74 -27.07 7.45 21.05
CA LEU L 74 -25.82 7.86 21.65
C LEU L 74 -24.79 8.07 20.54
N LEU L 75 -24.63 7.06 19.68
CA LEU L 75 -23.67 7.16 18.57
C LEU L 75 -23.91 8.43 17.75
N THR L 76 -25.16 8.68 17.42
CA THR L 76 -25.53 9.85 16.64
C THR L 76 -25.12 11.14 17.35
N TYR L 77 -25.25 11.15 18.67
CA TYR L 77 -24.88 12.31 19.48
C TYR L 77 -23.39 12.59 19.38
N HIS L 78 -22.61 11.52 19.20
CA HIS L 78 -21.17 11.63 19.07
C HIS L 78 -20.71 11.68 17.62
N GLY L 79 -21.61 12.04 16.71
CA GLY L 79 -21.27 12.11 15.30
C GLY L 79 -20.82 10.80 14.68
N LEU L 80 -21.27 9.68 15.24
CA LEU L 80 -20.92 8.35 14.71
C LEU L 80 -22.22 7.72 14.22
N ARG L 81 -22.15 6.46 13.80
CA ARG L 81 -23.35 5.77 13.35
C ARG L 81 -23.26 4.24 13.31
N PRO L 82 -24.41 3.56 13.38
CA PRO L 82 -24.59 2.10 13.38
C PRO L 82 -23.58 1.28 12.63
N GLU L 83 -23.38 1.64 11.36
CA GLU L 83 -22.46 0.94 10.47
C GLU L 83 -21.10 0.74 11.15
N ASP L 84 -20.68 1.75 11.90
CA ASP L 84 -19.40 1.69 12.61
C ASP L 84 -19.41 0.47 13.53
N VAL L 85 -20.51 0.33 14.27
CA VAL L 85 -20.67 -0.80 15.21
C VAL L 85 -20.76 -2.12 14.46
N VAL L 86 -21.53 -2.11 13.37
CA VAL L 86 -21.71 -3.31 12.55
C VAL L 86 -20.38 -3.75 11.96
N GLU L 88 -17.45 -2.93 13.05
CA GLU L 88 -16.59 -3.31 14.16
C GLU L 88 -16.91 -4.75 14.60
N LEU L 89 -18.18 -5.12 14.47
CA LEU L 89 -18.63 -6.45 14.81
C LEU L 89 -18.08 -7.44 13.79
N HIS L 90 -18.08 -7.02 12.53
CA HIS L 90 -17.59 -7.82 11.42
C HIS L 90 -16.09 -8.05 11.53
N ARG L 91 -15.37 -6.96 11.84
CA ARG L 91 -13.92 -7.01 11.97
C ARG L 91 -13.49 -8.08 13.00
N ARG L 92 -14.32 -8.29 14.02
CA ARG L 92 -14.03 -9.29 15.06
C ARG L 92 -14.37 -10.70 14.58
N GLU L 93 -15.62 -11.11 14.77
CA GLU L 93 -16.11 -12.43 14.36
C GLU L 93 -16.23 -12.54 12.84
N GLY L 94 -15.38 -13.40 12.26
CA GLY L 94 -15.40 -13.60 10.82
C GLY L 94 -14.40 -12.70 10.10
#